data_3E0M
#
_entry.id   3E0M
#
_cell.length_a   158.521
_cell.length_b   165.489
_cell.length_c   77.281
_cell.angle_alpha   90.00
_cell.angle_beta   90.00
_cell.angle_gamma   90.00
#
_symmetry.space_group_name_H-M   'P 21 21 2'
#
loop_
_entity.id
_entity.type
_entity.pdbx_description
1 polymer 'Peptide methionine sulfoxide reductase msrA/msrB 1'
2 polymer 'Short peptide SHMAEI'
3 water water
#
loop_
_entity_poly.entity_id
_entity_poly.type
_entity_poly.pdbx_seq_one_letter_code
_entity_poly.pdbx_strand_id
1 'polypeptide(L)'
;HMAEIYLAGGCFWGLEEYFSRISGVLETSVGYANGQVETTNYQLLKETDHAETVQVIYDEKEVSLREILLYYFRVIDPLS
INQQGNDRGRQYRTGIYYQDEADLPAIYTVVQEQERMLGRKIAVEVEQLRHYILAEDYHQDYLRKNPSGYCHIDVTDADK
PLIDAANYEKPSQEVLKASLSEESYRVTQEAATEAPFTNAYDQTFEEGIYVDITTGEPLFFAKDKFASGCGWPSFSRPLS
KELIHYYKDLSHGMERIEVRSRSGSAHLGHVFTDGPRELGGLRYCINSASLRFVAKDEMEKAGYGYLLPYLNK
;
A,B,C,D
2 'polypeptide(L)' SHMAEI E,F,G
#
# COMPACT_ATOMS: atom_id res chain seq x y z
N MET A 2 33.70 -21.07 -14.09
CA MET A 2 32.25 -21.20 -13.76
C MET A 2 31.88 -20.45 -12.47
N ALA A 3 31.08 -19.41 -12.62
CA ALA A 3 30.64 -18.59 -11.48
C ALA A 3 29.18 -18.90 -11.13
N GLU A 4 28.73 -18.41 -9.99
CA GLU A 4 27.35 -18.65 -9.58
C GLU A 4 26.75 -17.57 -8.70
N ILE A 5 25.49 -17.27 -8.95
CA ILE A 5 24.76 -16.26 -8.19
C ILE A 5 23.34 -16.81 -8.02
N TYR A 6 22.64 -16.35 -6.97
CA TYR A 6 21.27 -16.81 -6.69
C TYR A 6 20.25 -15.69 -6.73
N LEU A 7 19.23 -15.88 -7.56
CA LEU A 7 18.23 -14.84 -7.74
C LEU A 7 16.82 -15.30 -7.38
N ALA A 8 16.15 -14.46 -6.58
CA ALA A 8 14.78 -14.71 -6.16
C ALA A 8 13.91 -13.64 -6.81
N GLY A 9 13.03 -14.03 -7.72
CA GLY A 9 12.19 -13.06 -8.38
C GLY A 9 10.79 -13.57 -8.67
N GLY A 10 10.10 -14.02 -7.62
CA GLY A 10 8.76 -14.55 -7.81
C GLY A 10 8.81 -16.03 -8.13
N CYS A 11 7.80 -16.52 -8.84
CA CYS A 11 7.72 -17.93 -9.21
C CYS A 11 8.97 -18.35 -9.97
N PHE A 12 9.77 -19.24 -9.40
CA PHE A 12 11.00 -19.63 -10.08
C PHE A 12 10.84 -20.32 -11.43
N TRP A 13 9.62 -20.74 -11.77
CA TRP A 13 9.41 -21.40 -13.06
C TRP A 13 9.76 -20.46 -14.20
N GLY A 14 9.25 -19.24 -14.13
CA GLY A 14 9.49 -18.27 -15.18
C GLY A 14 10.89 -17.71 -15.17
N LEU A 15 11.43 -17.47 -13.99
CA LEU A 15 12.77 -16.93 -13.88
C LEU A 15 13.81 -17.90 -14.43
N GLU A 16 13.65 -19.20 -14.15
CA GLU A 16 14.62 -20.16 -14.65
C GLU A 16 14.57 -20.28 -16.17
N GLU A 17 13.35 -20.37 -16.71
CA GLU A 17 13.18 -20.47 -18.15
C GLU A 17 13.90 -19.30 -18.80
N TYR A 18 13.69 -18.12 -18.22
CA TYR A 18 14.30 -16.88 -18.71
C TYR A 18 15.82 -16.97 -18.73
N PHE A 19 16.42 -17.23 -17.57
CA PHE A 19 17.87 -17.33 -17.51
C PHE A 19 18.46 -18.48 -18.30
N SER A 20 17.68 -19.52 -18.53
CA SER A 20 18.18 -20.67 -19.29
C SER A 20 18.42 -20.27 -20.73
N ARG A 21 17.89 -19.10 -21.11
CA ARG A 21 18.03 -18.62 -22.49
C ARG A 21 19.14 -17.60 -22.68
N ILE A 22 19.63 -17.02 -21.58
CA ILE A 22 20.69 -16.03 -21.65
C ILE A 22 22.04 -16.65 -22.00
N SER A 23 22.71 -16.06 -23.00
CA SER A 23 24.00 -16.53 -23.45
C SER A 23 25.02 -16.42 -22.34
N GLY A 24 25.84 -17.45 -22.20
CA GLY A 24 26.85 -17.44 -21.16
C GLY A 24 26.45 -18.28 -19.95
N VAL A 25 25.15 -18.51 -19.81
CA VAL A 25 24.67 -19.32 -18.68
C VAL A 25 24.95 -20.79 -19.00
N LEU A 26 25.70 -21.44 -18.12
CA LEU A 26 26.06 -22.83 -18.31
C LEU A 26 25.08 -23.83 -17.71
N GLU A 27 24.60 -23.54 -16.50
CA GLU A 27 23.69 -24.43 -15.79
C GLU A 27 22.64 -23.64 -15.01
N THR A 28 21.46 -24.23 -14.89
CA THR A 28 20.34 -23.62 -14.17
C THR A 28 19.60 -24.63 -13.29
N SER A 29 19.10 -24.17 -12.16
CA SER A 29 18.33 -25.01 -11.24
C SER A 29 17.49 -24.12 -10.34
N VAL A 30 16.50 -24.71 -9.66
CA VAL A 30 15.65 -23.94 -8.76
C VAL A 30 15.55 -24.61 -7.38
N GLY A 31 15.37 -23.78 -6.35
CA GLY A 31 15.25 -24.28 -5.00
C GLY A 31 14.69 -23.23 -4.05
N TYR A 32 14.98 -23.41 -2.77
CA TYR A 32 14.53 -22.52 -1.71
C TYR A 32 15.73 -22.04 -0.93
N ALA A 33 15.80 -20.73 -0.72
CA ALA A 33 16.94 -20.15 -0.03
C ALA A 33 16.63 -19.22 1.14
N ASN A 34 17.63 -19.07 1.99
CA ASN A 34 17.58 -18.21 3.16
C ASN A 34 16.31 -18.27 3.99
N GLY A 35 15.85 -19.48 4.30
CA GLY A 35 14.67 -19.66 5.12
C GLY A 35 15.11 -19.58 6.59
N GLN A 36 14.38 -20.22 7.49
CA GLN A 36 14.77 -20.20 8.90
C GLN A 36 15.21 -21.60 9.37
N VAL A 37 15.49 -22.49 8.42
CA VAL A 37 15.89 -23.85 8.73
C VAL A 37 16.38 -24.49 7.44
N GLU A 38 17.32 -25.41 7.53
CA GLU A 38 17.88 -26.05 6.34
C GLU A 38 17.07 -27.23 5.81
N THR A 39 15.82 -27.33 6.24
CA THR A 39 14.94 -28.40 5.79
C THR A 39 13.64 -27.77 5.34
N THR A 40 13.16 -28.15 4.17
CA THR A 40 11.91 -27.63 3.65
C THR A 40 11.64 -28.15 2.26
N ASN A 41 10.42 -27.94 1.79
CA ASN A 41 10.04 -28.34 0.43
C ASN A 41 8.80 -27.54 0.04
N TYR A 42 8.28 -27.75 -1.17
CA TYR A 42 7.12 -26.99 -1.59
C TYR A 42 6.00 -26.94 -0.54
N GLN A 43 5.76 -28.06 0.14
CA GLN A 43 4.69 -28.09 1.15
C GLN A 43 5.02 -27.35 2.45
N LEU A 44 6.29 -27.33 2.84
CA LEU A 44 6.69 -26.65 4.07
C LEU A 44 7.14 -25.21 3.85
N LEU A 45 7.21 -24.80 2.59
CA LEU A 45 7.65 -23.46 2.23
C LEU A 45 7.04 -22.35 3.10
N LYS A 46 5.71 -22.25 3.15
CA LYS A 46 5.07 -21.20 3.94
C LYS A 46 5.51 -21.16 5.39
N GLU A 47 5.87 -22.33 5.93
CA GLU A 47 6.30 -22.43 7.33
C GLU A 47 7.76 -22.06 7.55
N THR A 48 8.61 -22.42 6.59
CA THR A 48 10.04 -22.20 6.71
C THR A 48 10.64 -20.88 6.26
N ASP A 49 9.83 -20.03 5.65
CA ASP A 49 10.24 -18.69 5.19
C ASP A 49 11.32 -18.59 4.11
N HIS A 50 11.51 -19.66 3.34
CA HIS A 50 12.50 -19.65 2.27
C HIS A 50 11.97 -18.83 1.10
N ALA A 51 12.88 -18.36 0.26
CA ALA A 51 12.50 -17.59 -0.91
C ALA A 51 12.68 -18.50 -2.13
N GLU A 52 11.75 -18.45 -3.08
CA GLU A 52 11.90 -19.25 -4.28
C GLU A 52 13.07 -18.61 -4.98
N THR A 53 14.07 -19.42 -5.29
CA THR A 53 15.28 -18.92 -5.89
C THR A 53 15.78 -19.72 -7.09
N VAL A 54 16.38 -19.01 -8.04
CA VAL A 54 16.94 -19.66 -9.20
C VAL A 54 18.44 -19.58 -9.12
N GLN A 55 19.08 -20.75 -9.24
CA GLN A 55 20.52 -20.86 -9.19
C GLN A 55 21.04 -20.68 -10.61
N VAL A 56 21.93 -19.71 -10.78
CA VAL A 56 22.48 -19.41 -12.08
C VAL A 56 23.99 -19.67 -12.11
N ILE A 57 24.40 -20.63 -12.92
CA ILE A 57 25.81 -20.95 -13.06
C ILE A 57 26.19 -20.49 -14.46
N TYR A 58 27.11 -19.52 -14.51
CA TYR A 58 27.51 -18.93 -15.78
C TYR A 58 28.99 -18.83 -16.03
N ASP A 59 29.34 -18.46 -17.25
CA ASP A 59 30.73 -18.26 -17.66
C ASP A 59 30.96 -16.76 -17.51
N GLU A 60 31.56 -16.35 -16.40
CA GLU A 60 31.79 -14.93 -16.17
C GLU A 60 32.59 -14.21 -17.25
N LYS A 61 33.18 -14.96 -18.16
CA LYS A 61 33.97 -14.38 -19.25
C LYS A 61 33.08 -14.12 -20.48
N GLU A 62 31.92 -14.76 -20.52
CA GLU A 62 30.99 -14.58 -21.63
C GLU A 62 29.90 -13.58 -21.22
N VAL A 63 29.47 -13.70 -19.97
CA VAL A 63 28.48 -12.83 -19.40
C VAL A 63 28.93 -12.56 -17.95
N SER A 64 29.02 -11.29 -17.60
CA SER A 64 29.46 -10.88 -16.27
C SER A 64 28.34 -10.87 -15.25
N LEU A 65 28.71 -10.83 -13.97
CA LEU A 65 27.74 -10.78 -12.90
C LEU A 65 26.91 -9.53 -13.10
N ARG A 66 27.54 -8.44 -13.54
CA ARG A 66 26.81 -7.19 -13.76
C ARG A 66 25.71 -7.41 -14.80
N GLU A 67 26.07 -8.12 -15.86
CA GLU A 67 25.13 -8.40 -16.92
C GLU A 67 24.00 -9.29 -16.42
N ILE A 68 24.34 -10.37 -15.70
CA ILE A 68 23.29 -11.26 -15.16
C ILE A 68 22.31 -10.41 -14.34
N LEU A 69 22.85 -9.57 -13.45
CA LEU A 69 21.99 -8.72 -12.63
C LEU A 69 21.13 -7.79 -13.46
N LEU A 70 21.66 -7.29 -14.57
CA LEU A 70 20.89 -6.38 -15.41
C LEU A 70 19.72 -7.15 -16.05
N TYR A 71 20.00 -8.35 -16.51
CA TYR A 71 18.98 -9.16 -17.12
C TYR A 71 17.92 -9.43 -16.06
N TYR A 72 18.39 -9.59 -14.83
CA TYR A 72 17.51 -9.85 -13.72
C TYR A 72 16.55 -8.69 -13.48
N PHE A 73 17.09 -7.48 -13.35
CA PHE A 73 16.26 -6.30 -13.12
C PHE A 73 15.34 -5.95 -14.28
N ARG A 74 15.69 -6.47 -15.46
CA ARG A 74 14.88 -6.23 -16.65
C ARG A 74 13.54 -6.96 -16.57
N VAL A 75 13.50 -8.05 -15.82
CA VAL A 75 12.28 -8.85 -15.76
C VAL A 75 11.44 -8.84 -14.48
N ILE A 76 11.98 -8.37 -13.37
CA ILE A 76 11.19 -8.35 -12.13
C ILE A 76 10.65 -6.96 -11.82
N ASP A 77 9.92 -6.87 -10.71
CA ASP A 77 9.38 -5.60 -10.26
C ASP A 77 10.25 -5.15 -9.08
N PRO A 78 11.05 -4.09 -9.28
CA PRO A 78 11.96 -3.53 -8.28
C PRO A 78 11.34 -3.03 -6.99
N LEU A 79 10.06 -2.72 -7.02
CA LEU A 79 9.42 -2.15 -5.84
C LEU A 79 8.37 -3.00 -5.11
N SER A 80 7.95 -4.09 -5.73
CA SER A 80 6.96 -4.97 -5.12
C SER A 80 7.46 -5.63 -3.84
N ILE A 81 6.53 -5.79 -2.90
CA ILE A 81 6.83 -6.41 -1.61
C ILE A 81 6.09 -7.74 -1.50
N ASN A 82 6.85 -8.82 -1.42
CA ASN A 82 6.33 -10.17 -1.34
C ASN A 82 5.27 -10.41 -2.42
N GLN A 83 5.59 -10.04 -3.65
CA GLN A 83 4.66 -10.23 -4.77
C GLN A 83 5.19 -9.94 -6.18
N GLN A 84 4.93 -10.88 -7.08
CA GLN A 84 5.29 -10.78 -8.49
C GLN A 84 4.12 -11.51 -9.13
N GLY A 85 3.34 -10.81 -9.94
CA GLY A 85 2.17 -11.43 -10.54
C GLY A 85 1.10 -11.58 -9.48
N ASN A 86 0.28 -12.63 -9.57
CA ASN A 86 -0.78 -12.86 -8.58
C ASN A 86 -0.19 -13.40 -7.30
N ASP A 87 0.90 -14.14 -7.46
CA ASP A 87 1.59 -14.76 -6.34
C ASP A 87 2.03 -13.76 -5.28
N ARG A 88 1.40 -13.86 -4.11
CA ARG A 88 1.72 -13.01 -2.97
C ARG A 88 2.27 -13.93 -1.89
N GLY A 89 3.19 -13.42 -1.07
CA GLY A 89 3.76 -14.24 -0.02
C GLY A 89 5.27 -14.09 0.09
N ARG A 90 5.82 -14.43 1.25
CA ARG A 90 7.26 -14.30 1.45
C ARG A 90 8.13 -15.19 0.58
N GLN A 91 7.56 -16.29 0.07
CA GLN A 91 8.34 -17.18 -0.78
C GLN A 91 8.57 -16.54 -2.14
N TYR A 92 7.88 -15.43 -2.39
CA TYR A 92 8.01 -14.72 -3.65
C TYR A 92 8.72 -13.39 -3.45
N ARG A 93 9.32 -13.18 -2.28
CA ARG A 93 10.03 -11.94 -2.04
C ARG A 93 11.20 -11.88 -3.02
N THR A 94 11.57 -10.69 -3.42
CA THR A 94 12.66 -10.53 -4.37
C THR A 94 14.01 -10.45 -3.66
N GLY A 95 15.03 -11.10 -4.24
CA GLY A 95 16.35 -11.06 -3.63
C GLY A 95 17.54 -11.55 -4.45
N ILE A 96 18.73 -11.13 -4.03
CA ILE A 96 20.00 -11.50 -4.67
C ILE A 96 20.87 -12.09 -3.58
N TYR A 97 21.16 -13.39 -3.67
CA TYR A 97 21.98 -14.06 -2.67
C TYR A 97 23.31 -14.44 -3.28
N TYR A 98 24.39 -14.03 -2.60
CA TYR A 98 25.75 -14.27 -3.05
C TYR A 98 26.53 -15.12 -2.06
N GLN A 99 27.71 -15.55 -2.47
CA GLN A 99 28.54 -16.37 -1.60
C GLN A 99 29.88 -15.73 -1.39
N ASP A 100 30.44 -15.24 -2.48
CA ASP A 100 31.71 -14.57 -2.46
C ASP A 100 31.33 -13.11 -2.28
N GLU A 101 31.64 -12.52 -1.12
CA GLU A 101 31.30 -11.12 -0.90
C GLU A 101 32.24 -10.24 -1.70
N ALA A 102 32.98 -10.87 -2.60
CA ALA A 102 33.90 -10.16 -3.46
C ALA A 102 33.08 -9.46 -4.52
N ASP A 103 31.98 -10.08 -4.93
CA ASP A 103 31.14 -9.45 -5.93
C ASP A 103 29.98 -8.63 -5.35
N LEU A 104 30.17 -8.18 -4.10
CA LEU A 104 29.19 -7.32 -3.46
C LEU A 104 29.20 -5.96 -4.19
N PRO A 105 30.41 -5.44 -4.52
CA PRO A 105 30.52 -4.16 -5.21
C PRO A 105 29.74 -4.08 -6.51
N ALA A 106 29.81 -5.13 -7.32
CA ALA A 106 29.08 -5.14 -8.58
C ALA A 106 27.58 -5.10 -8.30
N ILE A 107 27.16 -5.88 -7.30
CA ILE A 107 25.77 -5.94 -6.87
C ILE A 107 25.24 -4.59 -6.42
N TYR A 108 25.94 -3.92 -5.51
CA TYR A 108 25.49 -2.62 -5.02
C TYR A 108 25.53 -1.53 -6.07
N THR A 109 26.47 -1.61 -7.01
CA THR A 109 26.51 -0.57 -8.04
C THR A 109 25.19 -0.66 -8.80
N VAL A 110 24.83 -1.86 -9.22
CA VAL A 110 23.60 -2.05 -9.95
C VAL A 110 22.41 -1.57 -9.13
N VAL A 111 22.39 -1.86 -7.83
CA VAL A 111 21.27 -1.43 -7.00
C VAL A 111 21.21 0.07 -6.86
N GLN A 112 22.36 0.69 -6.65
CA GLN A 112 22.41 2.13 -6.51
C GLN A 112 21.86 2.78 -7.78
N GLU A 113 22.44 2.46 -8.93
CA GLU A 113 21.99 3.06 -10.18
C GLU A 113 20.57 2.63 -10.55
N GLN A 114 20.13 1.51 -10.00
CA GLN A 114 18.78 1.02 -10.26
C GLN A 114 17.85 1.88 -9.42
N GLU A 115 18.38 2.41 -8.32
CA GLU A 115 17.63 3.27 -7.42
C GLU A 115 17.65 4.71 -7.86
N ARG A 116 18.74 5.13 -8.52
CA ARG A 116 18.81 6.50 -9.01
C ARG A 116 17.71 6.66 -10.06
N MET A 117 17.55 5.63 -10.88
CA MET A 117 16.55 5.64 -11.93
C MET A 117 15.12 5.77 -11.44
N LEU A 118 14.72 4.89 -10.53
CA LEU A 118 13.36 4.92 -10.03
C LEU A 118 13.11 6.02 -9.00
N GLY A 119 14.19 6.51 -8.40
CA GLY A 119 14.04 7.54 -7.38
C GLY A 119 13.95 6.83 -6.05
N ARG A 120 12.83 6.17 -5.81
CA ARG A 120 12.59 5.42 -4.58
C ARG A 120 13.60 4.28 -4.43
N LYS A 121 13.77 3.81 -3.20
CA LYS A 121 14.69 2.70 -2.95
C LYS A 121 13.95 1.40 -3.30
N ILE A 122 14.69 0.43 -3.83
CA ILE A 122 14.09 -0.82 -4.24
C ILE A 122 13.85 -1.79 -3.09
N ALA A 123 12.85 -2.64 -3.25
CA ALA A 123 12.48 -3.61 -2.23
C ALA A 123 13.26 -4.91 -2.33
N VAL A 124 14.17 -4.98 -3.31
CA VAL A 124 14.99 -6.16 -3.50
C VAL A 124 15.85 -6.40 -2.26
N GLU A 125 15.96 -7.67 -1.88
CA GLU A 125 16.73 -8.07 -0.72
C GLU A 125 18.12 -8.51 -1.17
N VAL A 126 19.15 -8.08 -0.47
CA VAL A 126 20.51 -8.47 -0.81
C VAL A 126 21.20 -9.01 0.45
N GLU A 127 21.68 -10.25 0.39
CA GLU A 127 22.34 -10.87 1.55
C GLU A 127 23.11 -12.14 1.22
N GLN A 128 23.98 -12.55 2.16
CA GLN A 128 24.79 -13.75 2.03
C GLN A 128 23.92 -15.02 1.93
N LEU A 129 24.20 -15.84 0.92
CA LEU A 129 23.46 -17.08 0.74
C LEU A 129 23.80 -17.99 1.93
N ARG A 130 22.81 -18.22 2.79
CA ARG A 130 22.99 -19.08 3.97
C ARG A 130 22.86 -20.54 3.61
N HIS A 131 21.87 -20.87 2.79
CA HIS A 131 21.68 -22.25 2.36
C HIS A 131 20.76 -22.24 1.16
N TYR A 132 20.93 -23.24 0.29
CA TYR A 132 20.11 -23.37 -0.90
C TYR A 132 19.66 -24.82 -0.96
N ILE A 133 18.36 -25.02 -0.95
CA ILE A 133 17.78 -26.36 -0.98
C ILE A 133 17.09 -26.66 -2.30
N LEU A 134 17.65 -27.61 -3.06
CA LEU A 134 17.09 -28.00 -4.35
C LEU A 134 15.61 -28.35 -4.24
N ALA A 135 14.80 -27.79 -5.13
CA ALA A 135 13.37 -28.06 -5.13
C ALA A 135 13.12 -29.46 -5.70
N GLU A 136 11.90 -29.97 -5.51
CA GLU A 136 11.51 -31.29 -6.01
C GLU A 136 11.79 -31.29 -7.52
N ASP A 137 11.96 -32.49 -8.09
CA ASP A 137 12.27 -32.60 -9.50
C ASP A 137 11.19 -32.10 -10.47
N TYR A 138 9.92 -32.10 -10.07
CA TYR A 138 8.90 -31.64 -11.00
C TYR A 138 8.95 -30.12 -11.15
N HIS A 139 9.71 -29.46 -10.29
CA HIS A 139 9.85 -28.02 -10.40
C HIS A 139 11.04 -27.62 -11.27
N GLN A 140 11.97 -28.55 -11.46
CA GLN A 140 13.15 -28.28 -12.28
C GLN A 140 12.78 -28.19 -13.75
N ASP A 141 13.16 -27.08 -14.39
CA ASP A 141 12.89 -26.82 -15.80
C ASP A 141 11.39 -27.02 -16.09
N TYR A 142 10.57 -26.58 -15.13
CA TYR A 142 9.12 -26.71 -15.21
C TYR A 142 8.48 -26.26 -16.53
N LEU A 143 8.97 -25.17 -17.11
CA LEU A 143 8.36 -24.72 -18.36
C LEU A 143 8.90 -25.42 -19.59
N ARG A 144 10.12 -25.94 -19.53
CA ARG A 144 10.67 -26.65 -20.68
C ARG A 144 9.92 -27.97 -20.80
N LYS A 145 9.41 -28.48 -19.68
CA LYS A 145 8.67 -29.74 -19.71
C LYS A 145 7.16 -29.53 -19.60
N ASN A 146 6.75 -28.35 -19.12
CA ASN A 146 5.33 -28.04 -19.02
C ASN A 146 5.05 -26.70 -19.68
N PRO A 147 5.20 -26.62 -21.02
CA PRO A 147 4.93 -25.34 -21.68
C PRO A 147 3.50 -24.93 -21.33
N SER A 148 3.12 -23.71 -21.70
CA SER A 148 1.79 -23.23 -21.39
C SER A 148 1.55 -23.25 -19.89
N GLY A 149 2.63 -23.44 -19.12
CA GLY A 149 2.51 -23.44 -17.68
C GLY A 149 2.48 -21.98 -17.25
N TYR A 150 2.21 -21.72 -15.97
CA TYR A 150 2.16 -20.35 -15.48
C TYR A 150 3.46 -19.60 -15.73
N CYS A 151 3.36 -18.38 -16.25
CA CYS A 151 4.55 -17.57 -16.52
C CYS A 151 4.17 -16.10 -16.68
N HIS A 152 4.37 -15.35 -15.61
CA HIS A 152 4.05 -13.92 -15.56
C HIS A 152 4.90 -13.02 -16.45
N ILE A 153 6.14 -13.42 -16.71
CA ILE A 153 7.05 -12.60 -17.53
C ILE A 153 7.20 -13.05 -18.98
N ASP A 154 7.87 -12.23 -19.77
CA ASP A 154 8.11 -12.55 -21.17
C ASP A 154 9.53 -13.08 -21.28
N VAL A 155 9.67 -14.39 -21.40
CA VAL A 155 10.99 -15.00 -21.51
C VAL A 155 11.70 -14.63 -22.80
N THR A 156 10.99 -13.96 -23.69
CA THR A 156 11.60 -13.53 -24.96
C THR A 156 12.47 -12.31 -24.69
N ASP A 157 12.25 -11.66 -23.55
CA ASP A 157 13.03 -10.48 -23.18
C ASP A 157 14.49 -10.83 -23.03
N ALA A 158 14.79 -12.12 -22.96
CA ALA A 158 16.17 -12.57 -22.82
C ALA A 158 16.92 -12.44 -24.15
N ASP A 159 16.18 -12.19 -25.22
CA ASP A 159 16.79 -12.06 -26.54
C ASP A 159 17.09 -10.61 -26.90
N LYS A 160 16.31 -9.68 -26.35
CA LYS A 160 16.53 -8.28 -26.62
C LYS A 160 17.96 -7.97 -26.21
N PRO A 161 18.75 -7.34 -27.11
CA PRO A 161 20.14 -7.02 -26.80
C PRO A 161 20.27 -6.13 -25.56
N LEU A 162 21.35 -6.35 -24.81
CA LEU A 162 21.62 -5.58 -23.61
C LEU A 162 22.67 -4.52 -23.96
N ILE A 163 22.28 -3.25 -23.82
CA ILE A 163 23.19 -2.13 -24.11
C ILE A 163 23.45 -1.32 -22.84
N ASP A 164 24.50 -1.72 -22.12
CA ASP A 164 24.92 -1.13 -20.86
C ASP A 164 25.56 0.26 -21.01
N ALA A 165 24.79 1.29 -20.68
CA ALA A 165 25.25 2.67 -20.77
C ALA A 165 26.61 2.89 -20.09
N ALA A 166 26.88 2.12 -19.04
CA ALA A 166 28.13 2.23 -18.28
C ALA A 166 29.35 2.02 -19.16
N ASN A 167 29.20 1.26 -20.23
CA ASN A 167 30.30 0.99 -21.15
C ASN A 167 30.50 2.16 -22.10
N TYR A 168 29.58 3.12 -22.06
CA TYR A 168 29.66 4.24 -22.97
C TYR A 168 29.48 5.60 -22.30
N GLU A 169 30.11 5.80 -21.14
CA GLU A 169 29.94 7.10 -20.50
C GLU A 169 30.64 8.19 -21.31
N LYS A 170 30.21 9.43 -21.11
CA LYS A 170 30.77 10.56 -21.85
C LYS A 170 32.16 11.00 -21.38
N PRO A 171 33.10 11.16 -22.32
CA PRO A 171 34.47 11.58 -21.99
C PRO A 171 34.44 13.05 -21.57
N SER A 172 35.46 13.51 -20.87
CA SER A 172 35.50 14.91 -20.44
C SER A 172 35.45 15.84 -21.64
N GLN A 173 34.99 17.06 -21.43
CA GLN A 173 34.91 18.01 -22.52
C GLN A 173 36.27 18.22 -23.17
N GLU A 174 37.34 18.05 -22.40
CA GLU A 174 38.67 18.22 -22.94
C GLU A 174 39.02 17.18 -24.00
N VAL A 175 38.76 15.90 -23.72
CA VAL A 175 39.08 14.85 -24.68
C VAL A 175 38.16 14.90 -25.91
N LEU A 176 36.92 15.33 -25.73
CA LEU A 176 36.01 15.44 -26.87
C LEU A 176 36.56 16.48 -27.84
N LYS A 177 37.15 17.55 -27.31
CA LYS A 177 37.74 18.59 -28.14
C LYS A 177 38.87 18.01 -28.96
N ALA A 178 39.59 17.07 -28.37
CA ALA A 178 40.72 16.44 -29.04
C ALA A 178 40.37 15.32 -29.99
N SER A 179 39.23 14.65 -29.77
CA SER A 179 38.88 13.53 -30.65
C SER A 179 37.71 13.74 -31.60
N LEU A 180 37.01 14.86 -31.47
CA LEU A 180 35.89 15.11 -32.36
C LEU A 180 36.29 16.19 -33.33
N SER A 181 35.94 16.04 -34.60
CA SER A 181 36.26 17.06 -35.57
C SER A 181 35.49 18.30 -35.17
N GLU A 182 35.83 19.43 -35.76
CA GLU A 182 35.16 20.68 -35.44
C GLU A 182 33.66 20.55 -35.72
N GLU A 183 33.29 20.03 -36.88
CA GLU A 183 31.88 19.90 -37.23
C GLU A 183 31.18 18.92 -36.27
N SER A 184 31.79 17.77 -36.01
CA SER A 184 31.18 16.80 -35.11
C SER A 184 30.97 17.43 -33.74
N TYR A 185 31.87 18.32 -33.34
CA TYR A 185 31.76 18.98 -32.05
C TYR A 185 30.66 20.02 -32.05
N ARG A 186 30.52 20.78 -33.14
CA ARG A 186 29.49 21.81 -33.22
C ARG A 186 28.10 21.20 -33.27
N VAL A 187 27.96 20.12 -34.02
CA VAL A 187 26.67 19.45 -34.17
C VAL A 187 26.28 18.80 -32.85
N THR A 188 27.24 18.06 -32.33
CA THR A 188 27.08 17.30 -31.13
C THR A 188 26.93 18.07 -29.82
N GLN A 189 27.84 18.99 -29.54
CA GLN A 189 27.78 19.73 -28.29
C GLN A 189 27.11 21.10 -28.39
N GLU A 190 26.91 21.61 -29.60
CA GLU A 190 26.31 22.92 -29.76
C GLU A 190 25.04 22.92 -30.60
N ALA A 191 24.49 21.75 -30.84
CA ALA A 191 23.25 21.63 -31.60
C ALA A 191 23.25 22.20 -33.03
N ALA A 192 24.43 22.37 -33.61
CA ALA A 192 24.54 22.87 -34.97
C ALA A 192 24.01 21.82 -35.96
N THR A 193 23.97 22.16 -37.24
CA THR A 193 23.50 21.22 -38.25
C THR A 193 24.44 21.19 -39.44
N GLU A 194 24.69 19.99 -39.96
CA GLU A 194 25.60 19.83 -41.09
C GLU A 194 24.85 20.04 -42.40
N ALA A 195 25.57 20.49 -43.41
CA ALA A 195 24.98 20.71 -44.72
C ALA A 195 24.33 19.44 -45.22
N PRO A 196 23.14 19.56 -45.84
CA PRO A 196 22.30 18.51 -46.41
C PRO A 196 22.90 17.28 -47.08
N PHE A 197 23.30 17.39 -48.34
CA PHE A 197 23.80 16.23 -49.08
C PHE A 197 25.28 15.92 -49.12
N THR A 198 26.10 16.80 -48.57
CA THR A 198 27.54 16.60 -48.60
C THR A 198 28.12 15.81 -47.41
N ASN A 199 27.25 15.32 -46.53
CA ASN A 199 27.76 14.57 -45.37
C ASN A 199 28.08 13.11 -45.69
N ALA A 200 28.91 12.52 -44.83
CA ALA A 200 29.40 11.16 -45.00
C ALA A 200 28.39 10.02 -45.19
N TYR A 201 27.43 9.87 -44.30
CA TYR A 201 26.50 8.76 -44.38
C TYR A 201 25.15 8.98 -45.05
N ASP A 202 24.97 10.15 -45.66
CA ASP A 202 23.70 10.44 -46.32
C ASP A 202 23.32 9.39 -47.33
N GLN A 203 24.30 8.94 -48.11
CA GLN A 203 24.02 7.95 -49.14
C GLN A 203 24.57 6.55 -48.83
N THR A 204 25.03 6.35 -47.61
CA THR A 204 25.57 5.06 -47.18
C THR A 204 24.48 4.06 -46.84
N PHE A 205 24.57 2.85 -47.40
CA PHE A 205 23.60 1.81 -47.10
C PHE A 205 24.28 0.46 -46.98
N GLU A 206 25.44 0.45 -46.32
CA GLU A 206 26.22 -0.75 -46.09
C GLU A 206 25.78 -1.44 -44.80
N GLU A 207 25.98 -2.75 -44.71
CA GLU A 207 25.59 -3.50 -43.51
C GLU A 207 26.40 -3.08 -42.29
N GLY A 208 25.71 -3.02 -41.15
CA GLY A 208 26.37 -2.65 -39.91
C GLY A 208 25.50 -1.82 -38.98
N ILE A 209 26.15 -0.92 -38.25
CA ILE A 209 25.46 -0.04 -37.30
C ILE A 209 26.06 1.36 -37.22
N TYR A 210 25.28 2.26 -36.65
CA TYR A 210 25.69 3.63 -36.45
C TYR A 210 25.73 3.85 -34.94
N VAL A 211 26.89 4.34 -34.50
CA VAL A 211 27.16 4.58 -33.11
C VAL A 211 27.29 6.07 -32.76
N ASP A 212 27.07 6.43 -31.50
CA ASP A 212 27.18 7.82 -31.07
C ASP A 212 28.66 8.13 -31.15
N ILE A 213 29.02 9.15 -31.93
CA ILE A 213 30.42 9.49 -32.11
C ILE A 213 31.15 9.99 -30.87
N THR A 214 30.38 10.46 -29.91
CA THR A 214 30.92 11.03 -28.69
C THR A 214 31.07 10.07 -27.53
N THR A 215 30.45 8.90 -27.61
CA THR A 215 30.52 7.95 -26.50
C THR A 215 30.68 6.52 -26.98
N GLY A 216 30.27 6.26 -28.22
CA GLY A 216 30.35 4.91 -28.73
C GLY A 216 29.03 4.14 -28.51
N GLU A 217 28.08 4.73 -27.81
CA GLU A 217 26.80 4.06 -27.57
C GLU A 217 26.01 3.73 -28.86
N PRO A 218 25.68 2.45 -29.05
CA PRO A 218 24.93 2.03 -30.24
C PRO A 218 23.64 2.84 -30.40
N LEU A 219 23.32 3.23 -31.64
CA LEU A 219 22.11 4.01 -31.88
C LEU A 219 21.19 3.47 -32.96
N PHE A 220 21.72 3.19 -34.16
CA PHE A 220 20.88 2.69 -35.26
C PHE A 220 21.40 1.47 -36.02
N PHE A 221 20.48 0.62 -36.48
CA PHE A 221 20.84 -0.56 -37.26
C PHE A 221 20.76 -0.12 -38.73
N ALA A 222 21.71 -0.59 -39.54
CA ALA A 222 21.72 -0.23 -40.95
C ALA A 222 20.42 -0.67 -41.62
N LYS A 223 19.75 -1.67 -41.04
CA LYS A 223 18.51 -2.18 -41.62
C LYS A 223 17.31 -1.26 -41.44
N ASP A 224 17.42 -0.30 -40.52
CA ASP A 224 16.33 0.63 -40.28
C ASP A 224 16.57 1.95 -41.01
N LYS A 225 17.59 1.96 -41.86
CA LYS A 225 17.92 3.14 -42.63
C LYS A 225 17.18 3.00 -43.98
N PHE A 226 16.67 4.10 -44.50
CA PHE A 226 15.96 4.10 -45.78
C PHE A 226 16.33 5.38 -46.52
N ALA A 227 16.13 5.39 -47.83
CA ALA A 227 16.44 6.58 -48.62
C ALA A 227 15.26 7.53 -48.56
N SER A 228 15.51 8.78 -48.22
CA SER A 228 14.43 9.76 -48.15
C SER A 228 14.73 10.92 -49.07
N GLY A 229 15.99 11.04 -49.48
CA GLY A 229 16.34 12.14 -50.36
C GLY A 229 16.22 13.49 -49.65
N CYS A 230 16.16 13.45 -48.33
CA CYS A 230 16.04 14.66 -47.53
C CYS A 230 17.41 15.33 -47.42
N GLY A 231 18.47 14.53 -47.51
CA GLY A 231 19.81 15.07 -47.42
C GLY A 231 20.62 14.47 -46.29
N TRP A 232 19.95 14.04 -45.23
CA TRP A 232 20.63 13.47 -44.07
C TRP A 232 20.26 12.00 -43.89
N PRO A 233 21.14 11.22 -43.23
CA PRO A 233 20.85 9.80 -43.00
C PRO A 233 19.49 9.73 -42.34
N SER A 234 18.68 8.77 -42.75
CA SER A 234 17.34 8.65 -42.18
C SER A 234 17.08 7.23 -41.69
N PHE A 235 16.50 7.10 -40.50
CA PHE A 235 16.21 5.79 -39.92
C PHE A 235 14.79 5.79 -39.44
N SER A 236 14.18 4.61 -39.43
CA SER A 236 12.79 4.52 -39.00
C SER A 236 12.68 4.38 -37.48
N ARG A 237 13.77 3.96 -36.83
CA ARG A 237 13.78 3.78 -35.38
C ARG A 237 15.17 3.45 -34.86
N PRO A 238 15.42 3.71 -33.56
CA PRO A 238 16.73 3.40 -32.98
C PRO A 238 16.77 1.91 -32.62
N LEU A 239 17.96 1.40 -32.29
CA LEU A 239 18.14 0.00 -31.92
C LEU A 239 17.08 -0.38 -30.91
N SER A 240 16.93 0.45 -29.88
CA SER A 240 15.96 0.22 -28.82
C SER A 240 15.41 1.58 -28.36
N LYS A 241 14.18 1.59 -27.85
CA LYS A 241 13.54 2.85 -27.45
C LYS A 241 14.26 3.81 -26.49
N GLU A 242 14.95 3.29 -25.47
CA GLU A 242 15.62 4.15 -24.50
C GLU A 242 16.89 4.85 -24.98
N LEU A 243 17.35 4.52 -26.19
CA LEU A 243 18.56 5.13 -26.72
C LEU A 243 18.35 6.55 -27.22
N ILE A 244 17.10 7.01 -27.21
CA ILE A 244 16.80 8.36 -27.67
C ILE A 244 16.06 9.20 -26.64
N HIS A 245 16.45 10.48 -26.53
CA HIS A 245 15.82 11.45 -25.64
C HIS A 245 15.22 12.50 -26.56
N TYR A 246 13.98 12.86 -26.30
CA TYR A 246 13.26 13.82 -27.12
C TYR A 246 13.10 15.17 -26.48
N TYR A 247 13.29 16.22 -27.27
CA TYR A 247 13.13 17.58 -26.77
C TYR A 247 12.34 18.41 -27.74
N LYS A 248 11.52 19.31 -27.20
CA LYS A 248 10.73 20.20 -28.03
C LYS A 248 11.73 21.20 -28.58
N ASP A 249 11.67 21.46 -29.88
CA ASP A 249 12.59 22.40 -30.49
C ASP A 249 11.86 23.44 -31.32
N LEU A 250 11.85 24.67 -30.80
CA LEU A 250 11.17 25.77 -31.47
C LEU A 250 12.09 26.74 -32.21
N SER A 251 13.39 26.47 -32.19
CA SER A 251 14.37 27.32 -32.84
C SER A 251 14.16 27.39 -34.37
N HIS A 252 14.87 28.33 -34.99
CA HIS A 252 14.80 28.53 -36.44
C HIS A 252 13.40 28.72 -36.98
N GLY A 253 12.57 29.42 -36.21
CA GLY A 253 11.21 29.69 -36.63
C GLY A 253 10.39 28.47 -37.01
N MET A 254 10.69 27.33 -36.41
CA MET A 254 9.94 26.12 -36.69
C MET A 254 9.58 25.42 -35.38
N GLU A 255 8.71 24.43 -35.47
CA GLU A 255 8.34 23.66 -34.30
C GLU A 255 8.59 22.22 -34.65
N ARG A 256 9.68 21.69 -34.12
CA ARG A 256 10.08 20.31 -34.37
C ARG A 256 10.44 19.61 -33.05
N ILE A 257 10.81 18.34 -33.19
CA ILE A 257 11.21 17.54 -32.03
C ILE A 257 12.66 17.11 -32.23
N GLU A 258 13.56 17.58 -31.35
CA GLU A 258 14.96 17.22 -31.44
C GLU A 258 15.20 15.87 -30.76
N VAL A 259 16.23 15.17 -31.18
CA VAL A 259 16.56 13.88 -30.59
C VAL A 259 18.04 13.85 -30.18
N ARG A 260 18.31 13.33 -28.98
CA ARG A 260 19.68 13.27 -28.48
C ARG A 260 19.96 11.86 -28.01
N SER A 261 21.21 11.44 -28.07
CA SER A 261 21.58 10.09 -27.63
C SER A 261 21.37 9.96 -26.12
N ARG A 262 21.28 8.73 -25.63
CA ARG A 262 21.07 8.53 -24.20
C ARG A 262 22.27 8.77 -23.29
N SER A 263 23.32 7.95 -23.40
CA SER A 263 24.47 8.11 -22.51
C SER A 263 25.18 9.46 -22.63
N GLY A 264 25.83 9.72 -23.76
CA GLY A 264 26.44 11.02 -23.93
C GLY A 264 25.16 11.74 -24.27
N SER A 265 25.07 13.04 -24.12
CA SER A 265 23.77 13.63 -24.47
C SER A 265 23.97 14.41 -25.74
N ALA A 266 24.50 13.72 -26.75
CA ALA A 266 24.81 14.32 -28.05
C ALA A 266 23.61 14.70 -28.90
N HIS A 267 23.62 15.95 -29.38
CA HIS A 267 22.56 16.38 -30.27
C HIS A 267 22.77 15.52 -31.52
N LEU A 268 21.73 14.85 -31.98
CA LEU A 268 21.84 13.97 -33.14
C LEU A 268 21.10 14.53 -34.34
N GLY A 269 19.98 15.17 -34.07
CA GLY A 269 19.19 15.73 -35.16
C GLY A 269 17.75 15.94 -34.76
N HIS A 270 16.84 15.47 -35.61
CA HIS A 270 15.41 15.61 -35.36
C HIS A 270 14.62 14.42 -35.91
N VAL A 271 13.45 14.19 -35.35
CA VAL A 271 12.61 13.10 -35.83
C VAL A 271 11.30 13.67 -36.37
N PHE A 272 10.87 13.16 -37.52
CA PHE A 272 9.65 13.63 -38.13
C PHE A 272 8.68 12.48 -38.36
N THR A 273 7.46 12.82 -38.76
CA THR A 273 6.42 11.82 -38.98
C THR A 273 6.03 11.70 -40.46
N ASP A 274 7.02 11.85 -41.34
CA ASP A 274 6.80 11.77 -42.79
C ASP A 274 7.62 10.65 -43.43
N GLY A 275 7.74 9.54 -42.72
CA GLY A 275 8.51 8.43 -43.25
C GLY A 275 7.63 7.34 -43.80
N PRO A 276 8.21 6.30 -44.41
CA PRO A 276 7.51 5.16 -45.00
C PRO A 276 6.44 4.55 -44.07
N ARG A 277 5.18 4.78 -44.41
CA ARG A 277 4.06 4.27 -43.63
C ARG A 277 4.22 2.80 -43.23
N GLU A 278 4.92 2.03 -44.07
CA GLU A 278 5.14 0.61 -43.83
C GLU A 278 6.22 0.34 -42.79
N LEU A 279 7.14 1.29 -42.64
CA LEU A 279 8.23 1.15 -41.68
C LEU A 279 7.89 1.70 -40.31
N GLY A 280 6.82 2.47 -40.23
CA GLY A 280 6.41 3.02 -38.95
C GLY A 280 5.98 4.46 -39.07
N GLY A 281 6.41 5.11 -40.15
CA GLY A 281 6.04 6.49 -40.37
C GLY A 281 7.00 7.50 -39.80
N LEU A 282 7.99 7.02 -39.04
CA LEU A 282 8.94 7.94 -38.43
C LEU A 282 10.22 8.10 -39.24
N ARG A 283 10.79 9.29 -39.20
CA ARG A 283 12.03 9.56 -39.89
C ARG A 283 13.01 10.24 -38.93
N TYR A 284 14.02 9.49 -38.51
CA TYR A 284 15.03 10.02 -37.62
C TYR A 284 16.13 10.65 -38.49
N CYS A 285 15.99 11.95 -38.69
CA CYS A 285 16.91 12.71 -39.51
C CYS A 285 18.15 12.96 -38.67
N ILE A 286 19.19 12.18 -38.90
CA ILE A 286 20.41 12.28 -38.10
C ILE A 286 21.63 12.83 -38.80
N ASN A 287 22.35 13.71 -38.12
CA ASN A 287 23.57 14.27 -38.70
C ASN A 287 24.65 13.18 -38.76
N SER A 288 25.29 13.04 -39.91
CA SER A 288 26.36 12.05 -40.08
C SER A 288 27.45 12.35 -39.07
N ALA A 289 27.72 13.63 -38.86
CA ALA A 289 28.77 14.04 -37.95
C ALA A 289 28.54 13.67 -36.49
N SER A 290 27.37 13.15 -36.16
CA SER A 290 27.10 12.79 -34.77
C SER A 290 27.16 11.28 -34.61
N LEU A 291 27.39 10.61 -35.73
CA LEU A 291 27.44 9.17 -35.76
C LEU A 291 28.78 8.62 -36.26
N ARG A 292 29.07 7.39 -35.88
CA ARG A 292 30.27 6.70 -36.33
C ARG A 292 29.74 5.40 -36.92
N PHE A 293 29.96 5.21 -38.21
CA PHE A 293 29.50 4.00 -38.86
C PHE A 293 30.49 2.89 -38.62
N VAL A 294 29.97 1.74 -38.17
CA VAL A 294 30.79 0.56 -37.93
C VAL A 294 30.22 -0.55 -38.78
N ALA A 295 30.99 -0.97 -39.78
CA ALA A 295 30.56 -2.02 -40.67
C ALA A 295 30.46 -3.38 -39.98
N LYS A 296 29.72 -4.28 -40.60
CA LYS A 296 29.52 -5.63 -40.08
C LYS A 296 30.85 -6.34 -39.82
N ASP A 297 31.71 -6.37 -40.84
CA ASP A 297 33.01 -7.04 -40.72
C ASP A 297 33.97 -6.47 -39.67
N GLU A 298 33.75 -5.23 -39.22
CA GLU A 298 34.64 -4.66 -38.21
C GLU A 298 33.94 -4.43 -36.87
N MET A 299 32.69 -4.86 -36.81
CA MET A 299 31.89 -4.72 -35.60
C MET A 299 32.52 -5.46 -34.41
N GLU A 300 32.93 -6.70 -34.64
CA GLU A 300 33.54 -7.52 -33.60
C GLU A 300 34.76 -6.91 -32.90
N LYS A 301 35.73 -6.45 -33.68
CA LYS A 301 36.93 -5.85 -33.11
C LYS A 301 36.57 -4.52 -32.44
N ALA A 302 35.64 -3.81 -33.08
CA ALA A 302 35.18 -2.51 -32.59
C ALA A 302 34.55 -2.62 -31.21
N GLY A 303 34.22 -3.85 -30.80
CA GLY A 303 33.62 -4.05 -29.50
C GLY A 303 32.10 -4.16 -29.49
N TYR A 304 31.53 -4.50 -30.65
CA TYR A 304 30.09 -4.63 -30.79
C TYR A 304 29.72 -6.02 -31.31
N GLY A 305 30.51 -7.02 -30.95
CA GLY A 305 30.23 -8.37 -31.39
C GLY A 305 28.83 -8.81 -31.00
N TYR A 306 28.39 -8.33 -29.83
CA TYR A 306 27.08 -8.68 -29.29
C TYR A 306 25.88 -8.22 -30.10
N LEU A 307 26.08 -7.33 -31.06
CA LEU A 307 24.96 -6.87 -31.87
C LEU A 307 24.90 -7.54 -33.23
N LEU A 308 25.86 -8.41 -33.53
CA LEU A 308 25.85 -9.10 -34.82
C LEU A 308 24.58 -9.92 -35.06
N PRO A 309 24.05 -10.57 -34.01
CA PRO A 309 22.83 -11.38 -34.13
C PRO A 309 21.55 -10.61 -34.43
N TYR A 310 21.60 -9.29 -34.36
CA TYR A 310 20.39 -8.52 -34.59
C TYR A 310 20.42 -7.71 -35.88
N LEU A 311 21.52 -7.81 -36.64
CA LEU A 311 21.66 -7.07 -37.89
C LEU A 311 20.60 -7.47 -38.92
N ASN A 312 20.28 -8.75 -38.98
CA ASN A 312 19.31 -9.26 -39.93
C ASN A 312 17.87 -8.84 -39.67
N LYS A 313 17.12 -8.71 -40.75
CA LYS A 313 15.72 -8.31 -40.72
C LYS A 313 14.85 -9.45 -40.21
N MET B 2 -11.24 13.23 -36.50
CA MET B 2 -10.77 11.86 -36.83
C MET B 2 -9.42 11.56 -36.17
N ALA B 3 -9.06 12.37 -35.18
CA ALA B 3 -7.81 12.19 -34.43
C ALA B 3 -8.16 11.78 -33.01
N GLU B 4 -7.49 10.75 -32.51
CA GLU B 4 -7.78 10.27 -31.17
C GLU B 4 -6.61 9.70 -30.37
N ILE B 5 -6.79 9.67 -29.06
CA ILE B 5 -5.78 9.17 -28.13
C ILE B 5 -6.53 8.56 -26.95
N TYR B 6 -6.01 7.46 -26.42
CA TYR B 6 -6.62 6.76 -25.29
C TYR B 6 -5.80 6.97 -24.02
N LEU B 7 -6.45 7.52 -22.99
CA LEU B 7 -5.78 7.81 -21.71
C LEU B 7 -6.40 7.08 -20.52
N ALA B 8 -5.53 6.51 -19.68
CA ALA B 8 -5.94 5.82 -18.47
C ALA B 8 -5.37 6.61 -17.30
N GLY B 9 -6.23 7.13 -16.44
CA GLY B 9 -5.76 7.90 -15.31
C GLY B 9 -6.58 7.73 -14.04
N GLY B 10 -7.07 6.53 -13.81
CA GLY B 10 -7.86 6.28 -12.63
C GLY B 10 -9.31 6.15 -13.00
N CYS B 11 -10.20 6.27 -12.02
CA CYS B 11 -11.64 6.19 -12.26
C CYS B 11 -11.97 7.04 -13.48
N PHE B 12 -12.51 6.44 -14.55
CA PHE B 12 -12.80 7.21 -15.75
C PHE B 12 -13.96 8.22 -15.69
N TRP B 13 -14.75 8.24 -14.62
CA TRP B 13 -15.85 9.20 -14.58
C TRP B 13 -15.30 10.61 -14.63
N GLY B 14 -14.51 10.97 -13.62
CA GLY B 14 -13.95 12.30 -13.58
C GLY B 14 -13.10 12.60 -14.81
N LEU B 15 -12.29 11.65 -15.24
CA LEU B 15 -11.44 11.88 -16.39
C LEU B 15 -12.23 12.22 -17.65
N GLU B 16 -13.39 11.60 -17.85
CA GLU B 16 -14.16 11.92 -19.05
C GLU B 16 -14.81 13.29 -18.96
N GLU B 17 -15.36 13.64 -17.80
CA GLU B 17 -16.01 14.92 -17.63
C GLU B 17 -14.98 16.03 -17.85
N TYR B 18 -13.78 15.80 -17.32
CA TYR B 18 -12.71 16.76 -17.45
C TYR B 18 -12.32 17.00 -18.92
N PHE B 19 -12.07 15.93 -19.67
CA PHE B 19 -11.69 16.09 -21.07
C PHE B 19 -12.79 16.65 -21.97
N SER B 20 -14.04 16.26 -21.72
CA SER B 20 -15.15 16.76 -22.52
C SER B 20 -15.23 18.30 -22.43
N ARG B 21 -14.71 18.85 -21.34
CA ARG B 21 -14.73 20.29 -21.10
C ARG B 21 -13.52 21.04 -21.65
N ILE B 22 -12.71 20.37 -22.47
CA ILE B 22 -11.50 21.00 -23.02
C ILE B 22 -11.61 21.40 -24.48
N SER B 23 -11.54 22.70 -24.70
CA SER B 23 -11.63 23.27 -26.03
C SER B 23 -10.86 22.41 -27.05
N GLY B 24 -11.57 21.96 -28.08
CA GLY B 24 -10.94 21.15 -29.10
C GLY B 24 -11.34 19.68 -29.12
N VAL B 25 -11.90 19.20 -28.00
CA VAL B 25 -12.33 17.81 -27.92
C VAL B 25 -13.69 17.70 -28.59
N LEU B 26 -13.80 16.76 -29.52
CA LEU B 26 -15.02 16.56 -30.27
C LEU B 26 -15.93 15.53 -29.63
N GLU B 27 -15.35 14.46 -29.10
CA GLU B 27 -16.12 13.40 -28.47
C GLU B 27 -15.28 12.60 -27.49
N THR B 28 -15.94 11.97 -26.53
CA THR B 28 -15.27 11.14 -25.52
C THR B 28 -16.16 9.95 -25.18
N SER B 29 -15.54 8.91 -24.65
CA SER B 29 -16.25 7.71 -24.24
C SER B 29 -15.29 6.96 -23.32
N VAL B 30 -15.82 6.15 -22.43
CA VAL B 30 -14.97 5.40 -21.53
C VAL B 30 -15.05 3.91 -21.76
N GLY B 31 -13.97 3.20 -21.45
CA GLY B 31 -13.97 1.77 -21.66
C GLY B 31 -12.87 1.04 -20.92
N TYR B 32 -12.59 -0.18 -21.37
CA TYR B 32 -11.57 -1.03 -20.77
C TYR B 32 -10.54 -1.36 -21.84
N ALA B 33 -9.26 -1.13 -21.54
CA ALA B 33 -8.21 -1.38 -22.50
C ALA B 33 -7.03 -2.21 -22.03
N ASN B 34 -6.28 -2.72 -23.00
CA ASN B 34 -5.08 -3.51 -22.77
C ASN B 34 -5.12 -4.49 -21.61
N GLY B 35 -6.07 -5.42 -21.64
CA GLY B 35 -6.19 -6.41 -20.59
C GLY B 35 -5.56 -7.72 -21.05
N GLN B 36 -5.83 -8.81 -20.33
CA GLN B 36 -5.28 -10.11 -20.69
C GLN B 36 -6.28 -10.99 -21.43
N VAL B 37 -7.43 -10.42 -21.78
CA VAL B 37 -8.45 -11.17 -22.48
C VAL B 37 -9.15 -10.27 -23.50
N GLU B 38 -9.68 -10.86 -24.55
CA GLU B 38 -10.37 -10.12 -25.61
C GLU B 38 -11.43 -9.15 -25.11
N THR B 39 -12.32 -9.62 -24.22
CA THR B 39 -13.37 -8.76 -23.69
C THR B 39 -13.47 -8.78 -22.18
N THR B 40 -14.38 -7.97 -21.67
CA THR B 40 -14.61 -7.85 -20.25
C THR B 40 -15.81 -6.93 -19.99
N ASN B 41 -16.07 -6.67 -18.71
CA ASN B 41 -17.16 -5.80 -18.31
C ASN B 41 -16.89 -5.35 -16.87
N TYR B 42 -17.53 -4.28 -16.43
CA TYR B 42 -17.31 -3.75 -15.08
C TYR B 42 -17.40 -4.83 -14.00
N GLN B 43 -17.95 -5.98 -14.35
CA GLN B 43 -18.07 -7.09 -13.43
C GLN B 43 -16.76 -7.88 -13.39
N LEU B 44 -16.30 -8.30 -14.57
CA LEU B 44 -15.06 -9.08 -14.67
C LEU B 44 -13.81 -8.21 -14.79
N LEU B 45 -13.97 -6.90 -14.77
CA LEU B 45 -12.84 -5.97 -14.89
C LEU B 45 -11.69 -6.34 -13.96
N LYS B 46 -12.01 -6.36 -12.67
CA LYS B 46 -11.06 -6.67 -11.62
C LYS B 46 -10.28 -7.96 -11.83
N GLU B 47 -10.68 -8.77 -12.81
CA GLU B 47 -9.99 -10.04 -13.06
C GLU B 47 -9.40 -10.18 -14.46
N THR B 48 -9.80 -9.30 -15.38
CA THR B 48 -9.31 -9.35 -16.75
C THR B 48 -8.07 -8.47 -16.96
N ASP B 49 -7.65 -7.79 -15.90
CA ASP B 49 -6.49 -6.91 -15.93
C ASP B 49 -6.58 -5.72 -16.88
N HIS B 50 -7.80 -5.31 -17.21
CA HIS B 50 -8.00 -4.17 -18.10
C HIS B 50 -7.79 -2.87 -17.33
N ALA B 51 -7.56 -1.79 -18.07
CA ALA B 51 -7.34 -0.49 -17.47
C ALA B 51 -8.47 0.45 -17.85
N GLU B 52 -9.10 1.09 -16.87
CA GLU B 52 -10.16 2.03 -17.19
C GLU B 52 -9.49 3.08 -18.05
N THR B 53 -10.06 3.31 -19.23
CA THR B 53 -9.49 4.25 -20.19
C THR B 53 -10.55 5.21 -20.72
N VAL B 54 -10.11 6.37 -21.15
CA VAL B 54 -11.00 7.39 -21.72
C VAL B 54 -10.55 7.63 -23.14
N GLN B 55 -11.50 7.62 -24.06
CA GLN B 55 -11.18 7.86 -25.47
C GLN B 55 -11.42 9.33 -25.77
N VAL B 56 -10.39 10.02 -26.23
CA VAL B 56 -10.52 11.42 -26.56
C VAL B 56 -10.36 11.63 -28.05
N ILE B 57 -11.42 12.16 -28.67
CA ILE B 57 -11.41 12.43 -30.11
C ILE B 57 -11.34 13.95 -30.20
N TYR B 58 -10.32 14.45 -30.90
CA TYR B 58 -10.10 15.88 -31.00
C TYR B 58 -9.78 16.41 -32.41
N ASP B 59 -9.80 17.73 -32.52
CA ASP B 59 -9.49 18.41 -33.77
C ASP B 59 -8.03 18.84 -33.73
N GLU B 60 -7.16 18.10 -34.42
CA GLU B 60 -5.73 18.39 -34.46
C GLU B 60 -5.46 19.87 -34.69
N LYS B 61 -6.35 20.49 -35.44
CA LYS B 61 -6.27 21.91 -35.78
C LYS B 61 -6.59 22.81 -34.59
N GLU B 62 -7.53 22.38 -33.76
CA GLU B 62 -7.93 23.18 -32.61
C GLU B 62 -7.11 22.92 -31.33
N VAL B 63 -6.74 21.66 -31.11
CA VAL B 63 -5.97 21.29 -29.92
C VAL B 63 -4.99 20.17 -30.27
N SER B 64 -3.74 20.32 -29.85
CA SER B 64 -2.70 19.33 -30.16
C SER B 64 -2.61 18.15 -29.20
N LEU B 65 -2.10 17.04 -29.71
CA LEU B 65 -1.92 15.84 -28.91
C LEU B 65 -1.05 16.19 -27.69
N ARG B 66 -0.08 17.08 -27.90
CA ARG B 66 0.80 17.51 -26.81
C ARG B 66 -0.02 18.23 -25.76
N GLU B 67 -0.88 19.14 -26.21
CA GLU B 67 -1.72 19.91 -25.31
C GLU B 67 -2.63 18.97 -24.53
N ILE B 68 -3.16 17.96 -25.20
CA ILE B 68 -4.00 16.98 -24.53
C ILE B 68 -3.21 16.25 -23.44
N LEU B 69 -2.00 15.80 -23.76
CA LEU B 69 -1.17 15.12 -22.78
C LEU B 69 -0.87 16.03 -21.59
N LEU B 70 -0.63 17.32 -21.84
CA LEU B 70 -0.35 18.27 -20.75
C LEU B 70 -1.55 18.36 -19.82
N TYR B 71 -2.74 18.45 -20.40
CA TYR B 71 -3.97 18.51 -19.61
C TYR B 71 -4.11 17.20 -18.85
N TYR B 72 -3.58 16.12 -19.43
CA TYR B 72 -3.63 14.80 -18.80
C TYR B 72 -2.73 14.74 -17.58
N PHE B 73 -1.47 15.11 -17.74
CA PHE B 73 -0.52 15.09 -16.63
C PHE B 73 -0.86 16.09 -15.55
N ARG B 74 -1.72 17.05 -15.89
CA ARG B 74 -2.13 18.06 -14.93
C ARG B 74 -3.10 17.49 -13.91
N VAL B 75 -3.81 16.43 -14.32
CA VAL B 75 -4.83 15.86 -13.47
C VAL B 75 -4.56 14.46 -12.88
N ILE B 76 -3.42 13.86 -13.18
CA ILE B 76 -3.14 12.53 -12.63
C ILE B 76 -1.90 12.59 -11.73
N ASP B 77 -1.75 11.57 -10.89
CA ASP B 77 -0.58 11.44 -10.03
C ASP B 77 0.33 10.55 -10.87
N PRO B 78 1.39 11.12 -11.45
CA PRO B 78 2.35 10.40 -12.29
C PRO B 78 3.31 9.40 -11.66
N LEU B 79 3.51 9.45 -10.35
CA LEU B 79 4.42 8.52 -9.68
C LEU B 79 3.68 7.36 -9.01
N SER B 80 2.37 7.53 -8.89
CA SER B 80 1.52 6.54 -8.23
C SER B 80 1.39 5.23 -9.00
N ILE B 81 1.61 4.12 -8.30
CA ILE B 81 1.48 2.81 -8.92
C ILE B 81 0.10 2.21 -8.60
N ASN B 82 -0.67 1.97 -9.66
CA ASN B 82 -2.01 1.40 -9.52
C ASN B 82 -2.89 2.09 -8.52
N GLN B 83 -2.91 3.42 -8.54
CA GLN B 83 -3.75 4.16 -7.61
C GLN B 83 -3.89 5.62 -7.94
N GLN B 84 -5.13 6.07 -7.99
CA GLN B 84 -5.44 7.48 -8.24
C GLN B 84 -6.50 7.78 -7.20
N GLY B 85 -6.30 8.87 -6.47
CA GLY B 85 -7.24 9.23 -5.42
C GLY B 85 -7.35 8.07 -4.46
N ASN B 86 -8.57 7.64 -4.17
CA ASN B 86 -8.76 6.54 -3.24
C ASN B 86 -9.09 5.19 -3.92
N ASP B 87 -8.84 5.09 -5.22
CA ASP B 87 -9.12 3.87 -5.98
C ASP B 87 -7.83 3.09 -6.22
N ARG B 88 -7.76 1.87 -5.69
CA ARG B 88 -6.58 1.02 -5.83
C ARG B 88 -6.83 -0.20 -6.71
N GLY B 89 -5.85 -0.53 -7.55
CA GLY B 89 -5.97 -1.68 -8.42
C GLY B 89 -5.40 -1.45 -9.80
N ARG B 90 -5.07 -2.53 -10.51
CA ARG B 90 -4.50 -2.40 -11.84
C ARG B 90 -5.43 -1.69 -12.81
N GLN B 91 -6.74 -1.72 -12.56
CA GLN B 91 -7.65 -1.06 -13.48
C GLN B 91 -7.56 0.44 -13.32
N TYR B 92 -6.80 0.89 -12.33
CA TYR B 92 -6.65 2.32 -12.11
C TYR B 92 -5.25 2.78 -12.44
N ARG B 93 -4.47 1.90 -13.06
CA ARG B 93 -3.11 2.23 -13.43
C ARG B 93 -3.09 3.32 -14.48
N THR B 94 -2.03 4.13 -14.47
CA THR B 94 -1.92 5.18 -15.45
C THR B 94 -1.34 4.67 -16.76
N GLY B 95 -1.83 5.20 -17.88
CA GLY B 95 -1.34 4.77 -19.18
C GLY B 95 -1.74 5.69 -20.32
N ILE B 96 -0.91 5.70 -21.36
CA ILE B 96 -1.18 6.50 -22.55
C ILE B 96 -1.14 5.45 -23.68
N TYR B 97 -2.28 5.21 -24.30
CA TYR B 97 -2.37 4.21 -25.35
C TYR B 97 -2.57 4.83 -26.73
N TYR B 98 -1.61 4.59 -27.61
CA TYR B 98 -1.62 5.12 -28.97
C TYR B 98 -1.95 4.07 -30.02
N GLN B 99 -2.30 4.52 -31.22
CA GLN B 99 -2.63 3.64 -32.33
C GLN B 99 -1.66 3.83 -33.48
N ASP B 100 -1.26 5.07 -33.72
CA ASP B 100 -0.32 5.33 -34.80
C ASP B 100 1.04 5.62 -34.17
N GLU B 101 2.08 5.03 -34.74
CA GLU B 101 3.43 5.22 -34.26
C GLU B 101 3.93 6.65 -34.45
N ALA B 102 3.25 7.39 -35.31
CA ALA B 102 3.62 8.77 -35.58
C ALA B 102 3.37 9.66 -34.37
N ASP B 103 2.70 9.11 -33.37
CA ASP B 103 2.38 9.85 -32.15
C ASP B 103 3.45 9.67 -31.08
N LEU B 104 4.35 8.74 -31.30
CA LEU B 104 5.39 8.47 -30.31
C LEU B 104 6.28 9.66 -29.93
N PRO B 105 6.81 10.39 -30.92
CA PRO B 105 7.68 11.55 -30.63
C PRO B 105 7.02 12.52 -29.68
N ALA B 106 5.77 12.87 -29.96
CA ALA B 106 5.03 13.80 -29.12
C ALA B 106 4.86 13.21 -27.72
N ILE B 107 4.43 11.96 -27.64
CA ILE B 107 4.23 11.31 -26.36
C ILE B 107 5.53 11.21 -25.56
N TYR B 108 6.55 10.64 -26.19
CA TYR B 108 7.84 10.48 -25.51
C TYR B 108 8.36 11.83 -25.02
N THR B 109 8.20 12.87 -25.84
CA THR B 109 8.68 14.19 -25.45
C THR B 109 8.00 14.67 -24.18
N VAL B 110 6.68 14.53 -24.10
CA VAL B 110 5.97 14.95 -22.90
C VAL B 110 6.33 14.06 -21.72
N VAL B 111 6.48 12.77 -21.97
CA VAL B 111 6.84 11.86 -20.87
C VAL B 111 8.23 12.18 -20.32
N GLN B 112 9.22 12.33 -21.18
CA GLN B 112 10.56 12.62 -20.68
C GLN B 112 10.64 13.99 -20.02
N GLU B 113 9.89 14.98 -20.53
CA GLU B 113 9.89 16.31 -19.92
C GLU B 113 9.37 16.17 -18.49
N GLN B 114 8.41 15.28 -18.32
CA GLN B 114 7.81 15.01 -17.02
C GLN B 114 8.86 14.39 -16.10
N GLU B 115 9.60 13.41 -16.61
CA GLU B 115 10.63 12.75 -15.80
C GLU B 115 11.82 13.65 -15.51
N ARG B 116 12.06 14.63 -16.38
CA ARG B 116 13.16 15.56 -16.15
C ARG B 116 12.76 16.52 -15.03
N MET B 117 11.53 17.03 -15.10
CA MET B 117 11.04 17.95 -14.10
C MET B 117 11.01 17.24 -12.74
N LEU B 118 10.60 15.98 -12.73
CA LEU B 118 10.52 15.22 -11.48
C LEU B 118 11.83 14.52 -11.08
N GLY B 119 12.78 14.46 -12.00
CA GLY B 119 14.06 13.82 -11.70
C GLY B 119 14.01 12.33 -11.48
N ARG B 120 12.88 11.72 -11.82
CA ARG B 120 12.70 10.29 -11.66
C ARG B 120 11.73 9.76 -12.71
N LYS B 121 11.86 8.48 -13.03
CA LYS B 121 10.99 7.84 -14.01
C LYS B 121 9.54 7.89 -13.50
N ILE B 122 8.58 7.99 -14.42
CA ILE B 122 7.18 8.01 -13.99
C ILE B 122 6.55 6.63 -14.07
N ALA B 123 5.43 6.46 -13.39
CA ALA B 123 4.72 5.19 -13.36
C ALA B 123 3.78 5.05 -14.55
N VAL B 124 3.56 6.16 -15.26
CA VAL B 124 2.67 6.11 -16.41
C VAL B 124 3.31 5.22 -17.46
N GLU B 125 2.55 4.24 -17.95
CA GLU B 125 3.08 3.34 -18.95
C GLU B 125 2.64 3.87 -20.30
N VAL B 126 3.43 3.60 -21.33
CA VAL B 126 3.14 4.02 -22.69
C VAL B 126 3.22 2.78 -23.55
N GLU B 127 2.10 2.41 -24.18
CA GLU B 127 2.08 1.24 -25.04
C GLU B 127 1.01 1.32 -26.10
N GLN B 128 1.14 0.46 -27.10
CA GLN B 128 0.19 0.43 -28.21
C GLN B 128 -1.17 -0.04 -27.72
N LEU B 129 -2.22 0.55 -28.26
CA LEU B 129 -3.57 0.17 -27.89
C LEU B 129 -3.83 -1.22 -28.48
N ARG B 130 -4.09 -2.19 -27.63
CA ARG B 130 -4.36 -3.54 -28.09
C ARG B 130 -5.86 -3.71 -28.38
N HIS B 131 -6.71 -3.20 -27.50
CA HIS B 131 -8.15 -3.34 -27.69
C HIS B 131 -8.91 -2.49 -26.68
N TYR B 132 -9.82 -1.66 -27.18
CA TYR B 132 -10.61 -0.80 -26.32
C TYR B 132 -12.08 -1.20 -26.35
N ILE B 133 -12.57 -1.69 -25.23
CA ILE B 133 -13.95 -2.13 -25.06
C ILE B 133 -14.81 -1.05 -24.39
N LEU B 134 -15.82 -0.56 -25.11
CA LEU B 134 -16.72 0.47 -24.58
C LEU B 134 -17.34 -0.02 -23.29
N ALA B 135 -17.53 0.90 -22.36
CA ALA B 135 -18.11 0.55 -21.08
C ALA B 135 -19.62 0.60 -21.12
N GLU B 136 -20.25 -0.12 -20.19
CA GLU B 136 -21.70 -0.15 -20.08
C GLU B 136 -22.24 1.28 -20.10
N ASP B 137 -23.40 1.46 -20.72
CA ASP B 137 -24.02 2.77 -20.84
C ASP B 137 -24.17 3.57 -19.55
N TYR B 138 -24.28 2.90 -18.40
CA TYR B 138 -24.44 3.65 -17.16
C TYR B 138 -23.18 4.41 -16.75
N HIS B 139 -22.06 4.11 -17.41
CA HIS B 139 -20.79 4.75 -17.12
C HIS B 139 -20.57 5.94 -18.05
N GLN B 140 -20.80 5.71 -19.34
CA GLN B 140 -20.63 6.75 -20.36
C GLN B 140 -21.23 8.06 -19.89
N ASP B 141 -20.47 9.14 -20.01
CA ASP B 141 -20.96 10.46 -19.61
C ASP B 141 -21.66 10.41 -18.25
N TYR B 142 -21.02 9.77 -17.27
CA TYR B 142 -21.58 9.65 -15.93
C TYR B 142 -21.84 10.97 -15.22
N LEU B 143 -20.85 11.86 -15.20
CA LEU B 143 -21.04 13.14 -14.53
C LEU B 143 -21.92 14.08 -15.35
N ARG B 144 -22.17 13.69 -16.60
CA ARG B 144 -22.99 14.47 -17.52
C ARG B 144 -24.46 14.07 -17.33
N LYS B 145 -24.69 13.18 -16.36
CA LYS B 145 -26.03 12.70 -16.03
C LYS B 145 -26.27 12.96 -14.55
N ASN B 146 -25.24 12.73 -13.75
CA ASN B 146 -25.32 12.91 -12.30
C ASN B 146 -24.30 13.98 -11.92
N PRO B 147 -24.48 15.21 -12.41
CA PRO B 147 -23.60 16.35 -12.14
C PRO B 147 -22.91 16.35 -10.78
N SER B 148 -23.56 15.77 -9.77
CA SER B 148 -22.99 15.71 -8.43
C SER B 148 -22.71 14.28 -8.02
N GLY B 149 -21.79 13.63 -8.73
CA GLY B 149 -21.45 12.25 -8.41
C GLY B 149 -20.03 12.09 -7.92
N TYR B 150 -19.62 10.84 -7.72
CA TYR B 150 -18.27 10.52 -7.26
C TYR B 150 -17.28 11.12 -8.25
N CYS B 151 -16.34 11.92 -7.74
CA CYS B 151 -15.34 12.55 -8.61
C CYS B 151 -14.17 13.04 -7.75
N HIS B 152 -12.98 12.48 -7.97
CA HIS B 152 -11.83 12.88 -7.16
C HIS B 152 -10.78 13.76 -7.83
N ILE B 153 -11.22 14.57 -8.79
CA ILE B 153 -10.35 15.51 -9.51
C ILE B 153 -11.13 16.79 -9.79
N ASP B 154 -10.49 17.95 -9.61
CA ASP B 154 -11.13 19.23 -9.87
C ASP B 154 -11.41 19.37 -11.36
N VAL B 155 -12.63 19.00 -11.76
CA VAL B 155 -13.05 19.04 -13.15
C VAL B 155 -12.99 20.41 -13.82
N THR B 156 -12.85 21.47 -13.03
CA THR B 156 -12.78 22.81 -13.61
C THR B 156 -11.36 23.18 -14.03
N ASP B 157 -10.38 22.34 -13.69
CA ASP B 157 -9.00 22.61 -14.06
C ASP B 157 -8.91 22.62 -15.57
N ALA B 158 -9.88 21.98 -16.21
CA ALA B 158 -9.93 21.89 -17.67
C ALA B 158 -10.19 23.25 -18.29
N ASP B 159 -10.64 24.18 -17.46
CA ASP B 159 -10.95 25.52 -17.91
C ASP B 159 -9.86 26.54 -17.58
N LYS B 160 -8.96 26.18 -16.68
CA LYS B 160 -7.86 27.07 -16.31
C LYS B 160 -6.85 27.11 -17.48
N PRO B 161 -6.14 28.23 -17.63
CA PRO B 161 -5.16 28.37 -18.71
C PRO B 161 -4.04 27.35 -18.75
N LEU B 162 -3.67 26.97 -19.97
CA LEU B 162 -2.60 26.00 -20.20
C LEU B 162 -1.39 26.71 -20.82
N ILE B 163 -0.41 27.00 -19.96
CA ILE B 163 0.82 27.66 -20.39
C ILE B 163 1.95 26.63 -20.58
N ASP B 164 2.30 26.40 -21.83
CA ASP B 164 3.32 25.44 -22.20
C ASP B 164 4.72 26.01 -22.12
N ALA B 165 5.53 25.49 -21.20
CA ALA B 165 6.90 25.94 -21.00
C ALA B 165 7.78 25.81 -22.25
N ALA B 166 7.40 24.91 -23.15
CA ALA B 166 8.16 24.68 -24.37
C ALA B 166 8.22 25.96 -25.19
N ASN B 167 7.22 26.81 -25.04
CA ASN B 167 7.16 28.05 -25.80
C ASN B 167 8.01 29.16 -25.26
N TYR B 168 8.57 28.97 -24.07
CA TYR B 168 9.41 30.01 -23.49
C TYR B 168 10.74 29.46 -23.01
N GLU B 169 11.50 28.90 -23.96
CA GLU B 169 12.81 28.31 -23.67
C GLU B 169 13.71 29.40 -23.11
N LYS B 170 14.43 29.10 -22.03
CA LYS B 170 15.32 30.08 -21.43
C LYS B 170 16.53 30.30 -22.33
N PRO B 171 16.94 31.56 -22.53
CA PRO B 171 18.10 31.87 -23.37
C PRO B 171 19.41 31.47 -22.66
N SER B 172 20.49 31.35 -23.43
CA SER B 172 21.78 30.97 -22.86
C SER B 172 22.18 32.00 -21.82
N GLN B 173 23.07 31.60 -20.91
CA GLN B 173 23.52 32.49 -19.87
C GLN B 173 24.16 33.75 -20.46
N GLU B 174 24.87 33.57 -21.57
CA GLU B 174 25.57 34.68 -22.22
C GLU B 174 24.64 35.58 -23.02
N VAL B 175 23.75 34.99 -23.80
CA VAL B 175 22.83 35.79 -24.61
C VAL B 175 22.03 36.66 -23.65
N LEU B 176 21.84 36.17 -22.42
CA LEU B 176 21.10 36.91 -21.43
C LEU B 176 21.92 38.10 -20.93
N LYS B 177 23.09 37.83 -20.35
CA LYS B 177 23.94 38.89 -19.83
C LYS B 177 24.13 40.02 -20.83
N ALA B 178 23.93 39.74 -22.11
CA ALA B 178 24.09 40.75 -23.15
C ALA B 178 22.76 41.34 -23.61
N SER B 179 21.66 40.74 -23.19
CA SER B 179 20.34 41.21 -23.61
C SER B 179 19.54 41.98 -22.56
N LEU B 180 19.80 41.74 -21.29
CA LEU B 180 19.06 42.44 -20.26
C LEU B 180 19.95 43.38 -19.46
N SER B 181 19.35 44.42 -18.90
CA SER B 181 20.08 45.42 -18.13
C SER B 181 20.87 44.77 -17.02
N GLU B 182 21.90 45.45 -16.53
CA GLU B 182 22.69 44.88 -15.46
C GLU B 182 21.76 44.64 -14.27
N GLU B 183 20.76 45.50 -14.14
CA GLU B 183 19.77 45.43 -13.08
C GLU B 183 19.01 44.09 -13.19
N SER B 184 18.36 43.89 -14.33
CA SER B 184 17.60 42.67 -14.59
C SER B 184 18.48 41.43 -14.51
N TYR B 185 19.71 41.55 -14.96
CA TYR B 185 20.61 40.40 -14.90
C TYR B 185 21.01 40.06 -13.49
N ARG B 186 21.44 41.06 -12.73
CA ARG B 186 21.86 40.83 -11.35
C ARG B 186 20.73 40.30 -10.49
N VAL B 187 19.53 40.82 -10.70
CA VAL B 187 18.36 40.40 -9.93
C VAL B 187 17.88 39.03 -10.40
N THR B 188 17.73 38.90 -11.71
CA THR B 188 17.24 37.66 -12.30
C THR B 188 18.19 36.47 -12.25
N GLN B 189 19.47 36.68 -12.54
CA GLN B 189 20.43 35.58 -12.53
C GLN B 189 21.20 35.44 -11.22
N GLU B 190 21.08 36.45 -10.35
CA GLU B 190 21.73 36.41 -9.03
C GLU B 190 20.63 36.69 -8.00
N ALA B 191 20.96 36.64 -6.72
CA ALA B 191 19.92 36.89 -5.72
C ALA B 191 19.79 38.39 -5.45
N ALA B 192 19.96 39.19 -6.49
CA ALA B 192 19.89 40.63 -6.36
C ALA B 192 18.45 41.15 -6.23
N THR B 193 18.27 42.17 -5.40
CA THR B 193 16.96 42.76 -5.22
C THR B 193 17.00 44.27 -5.40
N GLU B 194 16.20 44.75 -6.37
CA GLU B 194 16.13 46.17 -6.70
C GLU B 194 15.68 47.03 -5.52
N ALA B 195 15.91 48.33 -5.67
CA ALA B 195 15.54 49.31 -4.65
C ALA B 195 14.03 49.34 -4.47
N PRO B 196 13.57 49.36 -3.21
CA PRO B 196 12.17 49.38 -2.80
C PRO B 196 11.13 50.17 -3.57
N PHE B 197 11.24 51.49 -3.66
CA PHE B 197 10.17 52.23 -4.32
C PHE B 197 10.39 52.81 -5.69
N THR B 198 11.63 52.74 -6.17
CA THR B 198 11.98 53.32 -7.46
C THR B 198 11.88 52.43 -8.69
N ASN B 199 11.26 51.25 -8.54
CA ASN B 199 11.13 50.34 -9.67
C ASN B 199 9.89 50.67 -10.51
N ALA B 200 9.88 50.17 -11.74
CA ALA B 200 8.81 50.45 -12.68
C ALA B 200 7.39 49.99 -12.44
N TYR B 201 7.19 48.87 -11.76
CA TYR B 201 5.84 48.36 -11.58
C TYR B 201 5.24 48.43 -10.19
N ASP B 202 5.96 49.04 -9.25
CA ASP B 202 5.44 49.16 -7.89
C ASP B 202 4.05 49.78 -7.82
N GLN B 203 3.80 50.79 -8.63
CA GLN B 203 2.50 51.45 -8.61
C GLN B 203 1.61 51.13 -9.79
N THR B 204 2.08 50.27 -10.68
CA THR B 204 1.29 49.94 -11.85
C THR B 204 0.02 49.14 -11.55
N PHE B 205 -1.08 49.58 -12.16
CA PHE B 205 -2.37 48.92 -12.03
C PHE B 205 -3.12 49.12 -13.34
N GLU B 206 -2.72 48.37 -14.35
CA GLU B 206 -3.34 48.44 -15.66
C GLU B 206 -3.67 47.04 -16.16
N GLU B 207 -4.73 46.94 -16.96
CA GLU B 207 -5.18 45.67 -17.52
C GLU B 207 -4.06 45.01 -18.32
N GLY B 208 -3.89 43.70 -18.15
CA GLY B 208 -2.87 42.97 -18.88
C GLY B 208 -2.24 41.85 -18.10
N ILE B 209 -1.02 41.46 -18.49
CA ILE B 209 -0.28 40.36 -17.82
C ILE B 209 1.19 40.70 -17.64
N TYR B 210 1.81 40.13 -16.61
CA TYR B 210 3.24 40.37 -16.37
C TYR B 210 3.95 39.10 -16.78
N VAL B 211 5.03 39.26 -17.52
CA VAL B 211 5.77 38.12 -18.03
C VAL B 211 7.20 38.04 -17.49
N ASP B 212 7.80 36.86 -17.57
CA ASP B 212 9.17 36.65 -17.12
C ASP B 212 10.06 37.40 -18.11
N ILE B 213 10.69 38.47 -17.65
CA ILE B 213 11.54 39.27 -18.53
C ILE B 213 12.63 38.41 -19.18
N THR B 214 12.96 37.30 -18.51
CA THR B 214 13.98 36.37 -18.96
C THR B 214 13.56 35.41 -20.08
N THR B 215 12.30 34.99 -20.08
CA THR B 215 11.84 34.01 -21.07
C THR B 215 10.54 34.33 -21.79
N GLY B 216 9.76 35.25 -21.22
CA GLY B 216 8.49 35.59 -21.84
C GLY B 216 7.38 34.70 -21.30
N GLU B 217 7.69 33.86 -20.33
CA GLU B 217 6.69 32.96 -19.76
C GLU B 217 5.75 33.73 -18.85
N PRO B 218 4.44 33.68 -19.14
CA PRO B 218 3.47 34.39 -18.32
C PRO B 218 3.62 34.05 -16.84
N LEU B 219 3.58 35.08 -15.98
CA LEU B 219 3.69 34.87 -14.54
C LEU B 219 2.46 35.36 -13.78
N PHE B 220 2.08 36.63 -13.93
CA PHE B 220 0.92 37.16 -13.21
C PHE B 220 -0.13 37.94 -14.02
N PHE B 221 -1.39 37.80 -13.62
CA PHE B 221 -2.50 38.53 -14.24
C PHE B 221 -2.56 39.87 -13.49
N ALA B 222 -3.05 40.93 -14.14
CA ALA B 222 -3.15 42.23 -13.47
C ALA B 222 -4.19 42.17 -12.35
N LYS B 223 -5.26 41.41 -12.59
CA LYS B 223 -6.35 41.28 -11.60
C LYS B 223 -5.91 40.75 -10.25
N ASP B 224 -4.76 40.08 -10.19
CA ASP B 224 -4.28 39.54 -8.93
C ASP B 224 -3.23 40.42 -8.26
N LYS B 225 -2.95 41.57 -8.88
CA LYS B 225 -2.00 42.52 -8.32
C LYS B 225 -2.80 43.42 -7.36
N PHE B 226 -2.19 43.79 -6.24
CA PHE B 226 -2.89 44.65 -5.30
C PHE B 226 -1.97 45.76 -4.79
N ALA B 227 -2.59 46.78 -4.20
CA ALA B 227 -1.86 47.93 -3.66
C ALA B 227 -1.26 47.53 -2.32
N SER B 228 0.07 47.63 -2.24
CA SER B 228 0.78 47.24 -1.03
C SER B 228 1.63 48.35 -0.44
N GLY B 229 2.40 49.04 -1.26
CA GLY B 229 3.24 50.08 -0.70
C GLY B 229 4.37 49.47 0.13
N CYS B 230 4.74 48.23 -0.19
CA CYS B 230 5.84 47.59 0.49
C CYS B 230 7.04 48.04 -0.34
N GLY B 231 6.75 48.47 -1.56
CA GLY B 231 7.78 48.96 -2.45
C GLY B 231 7.88 48.23 -3.80
N TRP B 232 7.67 46.93 -3.79
CA TRP B 232 7.77 46.15 -5.01
C TRP B 232 6.40 45.62 -5.41
N PRO B 233 6.15 45.43 -6.70
CA PRO B 233 4.85 44.92 -7.14
C PRO B 233 4.46 43.67 -6.35
N SER B 234 3.22 43.64 -5.90
CA SER B 234 2.74 42.53 -5.10
C SER B 234 1.52 41.84 -5.69
N PHE B 235 1.57 40.51 -5.76
CA PHE B 235 0.44 39.77 -6.30
C PHE B 235 -0.11 38.78 -5.28
N SER B 236 -1.38 38.43 -5.40
CA SER B 236 -1.96 37.49 -4.45
C SER B 236 -1.71 36.06 -4.91
N ARG B 237 -1.31 35.91 -6.17
CA ARG B 237 -1.06 34.59 -6.73
C ARG B 237 -0.67 34.66 -8.21
N PRO B 238 -0.06 33.58 -8.74
CA PRO B 238 0.37 33.51 -10.14
C PRO B 238 -0.76 32.96 -11.01
N LEU B 239 -0.62 33.02 -12.34
CA LEU B 239 -1.67 32.50 -13.23
C LEU B 239 -1.98 31.05 -12.91
N SER B 240 -0.94 30.21 -12.90
CA SER B 240 -1.07 28.80 -12.59
C SER B 240 -0.04 28.44 -11.52
N LYS B 241 -0.32 27.41 -10.73
CA LYS B 241 0.59 27.06 -9.65
C LYS B 241 1.92 26.48 -10.08
N GLU B 242 1.99 25.87 -11.27
CA GLU B 242 3.26 25.28 -11.73
C GLU B 242 4.28 26.34 -12.08
N LEU B 243 3.79 27.53 -12.43
CA LEU B 243 4.65 28.64 -12.84
C LEU B 243 5.67 29.12 -11.82
N ILE B 244 5.48 28.81 -10.55
CA ILE B 244 6.42 29.27 -9.53
C ILE B 244 7.10 28.13 -8.76
N HIS B 245 8.40 28.28 -8.49
CA HIS B 245 9.14 27.31 -7.71
C HIS B 245 9.46 28.04 -6.40
N TYR B 246 9.45 27.34 -5.28
CA TYR B 246 9.72 27.96 -3.99
C TYR B 246 11.00 27.43 -3.35
N TYR B 247 11.74 28.29 -2.67
CA TYR B 247 12.97 27.86 -2.00
C TYR B 247 13.16 28.54 -0.66
N LYS B 248 13.85 27.85 0.25
CA LYS B 248 14.12 28.37 1.58
C LYS B 248 15.27 29.36 1.49
N ASP B 249 15.05 30.59 1.92
CA ASP B 249 16.08 31.61 1.87
C ASP B 249 16.45 32.06 3.27
N LEU B 250 17.70 31.79 3.65
CA LEU B 250 18.21 32.14 4.96
C LEU B 250 19.11 33.38 4.90
N SER B 251 19.27 33.95 3.71
CA SER B 251 20.12 35.12 3.53
C SER B 251 19.65 36.36 4.28
N HIS B 252 20.57 37.32 4.44
CA HIS B 252 20.32 38.58 5.11
C HIS B 252 19.71 38.46 6.51
N GLY B 253 20.19 37.48 7.26
CA GLY B 253 19.74 37.27 8.63
C GLY B 253 18.27 36.95 8.84
N MET B 254 17.55 36.62 7.77
CA MET B 254 16.13 36.32 7.88
C MET B 254 15.79 34.94 7.29
N GLU B 255 14.60 34.45 7.61
CA GLU B 255 14.14 33.19 7.06
C GLU B 255 12.85 33.47 6.29
N ARG B 256 12.94 33.40 4.97
CA ARG B 256 11.76 33.64 4.16
C ARG B 256 11.70 32.67 2.99
N ILE B 257 10.69 32.83 2.16
CA ILE B 257 10.52 31.95 1.02
C ILE B 257 10.82 32.68 -0.27
N GLU B 258 11.86 32.23 -0.97
CA GLU B 258 12.25 32.82 -2.24
C GLU B 258 11.35 32.22 -3.31
N VAL B 259 11.15 32.98 -4.39
CA VAL B 259 10.29 32.55 -5.48
C VAL B 259 11.03 32.71 -6.80
N ARG B 260 10.91 31.71 -7.67
CA ARG B 260 11.55 31.77 -8.98
C ARG B 260 10.55 31.33 -10.04
N SER B 261 10.77 31.71 -11.29
CA SER B 261 9.85 31.33 -12.35
C SER B 261 10.17 29.89 -12.77
N ARG B 262 9.20 29.21 -13.37
CA ARG B 262 9.41 27.83 -13.80
C ARG B 262 10.44 27.81 -14.90
N SER B 263 9.99 27.97 -16.13
CA SER B 263 10.89 27.99 -17.25
C SER B 263 11.84 29.15 -17.01
N GLY B 264 13.13 28.93 -17.17
CA GLY B 264 14.08 30.02 -16.95
C GLY B 264 14.64 30.09 -15.55
N SER B 265 13.86 29.63 -14.57
CA SER B 265 14.29 29.65 -13.18
C SER B 265 14.94 30.96 -12.83
N ALA B 266 14.21 32.05 -13.05
CA ALA B 266 14.73 33.37 -12.74
C ALA B 266 14.31 33.77 -11.34
N HIS B 267 15.19 34.45 -10.63
CA HIS B 267 14.85 34.91 -9.29
C HIS B 267 13.83 36.03 -9.50
N LEU B 268 12.75 36.00 -8.70
CA LEU B 268 11.67 36.97 -8.81
C LEU B 268 11.50 37.79 -7.54
N GLY B 269 11.72 37.15 -6.40
CA GLY B 269 11.56 37.81 -5.13
C GLY B 269 11.11 36.84 -4.04
N HIS B 270 10.20 37.26 -3.19
CA HIS B 270 9.73 36.38 -2.12
C HIS B 270 8.23 36.40 -1.92
N VAL B 271 7.72 35.41 -1.20
CA VAL B 271 6.30 35.34 -0.93
C VAL B 271 6.09 35.34 0.59
N PHE B 272 5.12 36.14 1.04
CA PHE B 272 4.81 36.25 2.47
C PHE B 272 3.34 35.92 2.72
N THR B 273 2.96 35.84 3.99
CA THR B 273 1.57 35.53 4.32
C THR B 273 0.90 36.69 5.06
N ASP B 274 1.10 37.90 4.52
CA ASP B 274 0.53 39.12 5.08
C ASP B 274 -0.31 39.81 4.01
N GLY B 275 -0.72 39.04 3.02
CA GLY B 275 -1.53 39.58 1.95
C GLY B 275 -2.99 39.65 2.33
N PRO B 276 -3.81 40.33 1.52
CA PRO B 276 -5.25 40.49 1.75
C PRO B 276 -5.92 39.15 2.01
N ARG B 277 -6.48 38.99 3.20
CA ARG B 277 -7.15 37.74 3.60
C ARG B 277 -8.16 37.19 2.60
N GLU B 278 -9.02 38.05 2.08
CA GLU B 278 -10.04 37.58 1.14
C GLU B 278 -9.47 37.06 -0.17
N LEU B 279 -8.18 37.33 -0.43
CA LEU B 279 -7.56 36.90 -1.68
C LEU B 279 -6.64 35.69 -1.55
N GLY B 280 -6.58 35.11 -0.35
CA GLY B 280 -5.72 33.95 -0.14
C GLY B 280 -4.69 34.21 0.95
N GLY B 281 -4.43 35.48 1.23
CA GLY B 281 -3.47 35.85 2.25
C GLY B 281 -2.02 35.92 1.84
N LEU B 282 -1.73 35.58 0.60
CA LEU B 282 -0.35 35.58 0.13
C LEU B 282 0.06 36.86 -0.57
N ARG B 283 1.31 37.25 -0.36
CA ARG B 283 1.83 38.45 -0.99
C ARG B 283 3.09 38.05 -1.75
N TYR B 284 2.98 37.94 -3.06
CA TYR B 284 4.14 37.61 -3.87
C TYR B 284 4.82 38.94 -4.17
N CYS B 285 5.94 39.18 -3.50
CA CYS B 285 6.73 40.40 -3.65
C CYS B 285 7.74 40.17 -4.76
N ILE B 286 7.47 40.72 -5.93
CA ILE B 286 8.30 40.55 -7.10
C ILE B 286 9.07 41.81 -7.51
N ASN B 287 10.29 41.63 -8.02
CA ASN B 287 11.09 42.76 -8.48
C ASN B 287 10.56 43.12 -9.86
N SER B 288 10.48 44.41 -10.16
CA SER B 288 10.01 44.86 -11.46
C SER B 288 11.01 44.43 -12.54
N ALA B 289 12.29 44.41 -12.16
CA ALA B 289 13.37 44.05 -13.08
C ALA B 289 13.31 42.64 -13.65
N SER B 290 12.55 41.74 -13.04
CA SER B 290 12.45 40.37 -13.54
C SER B 290 11.17 40.17 -14.33
N LEU B 291 10.41 41.24 -14.49
CA LEU B 291 9.15 41.18 -15.23
C LEU B 291 9.12 42.12 -16.41
N ARG B 292 8.23 41.82 -17.34
CA ARG B 292 8.01 42.64 -18.51
C ARG B 292 6.50 42.73 -18.58
N PHE B 293 5.96 43.91 -18.28
CA PHE B 293 4.51 44.08 -18.34
C PHE B 293 4.05 44.16 -19.77
N VAL B 294 2.96 43.47 -20.07
CA VAL B 294 2.38 43.46 -21.39
C VAL B 294 0.94 43.86 -21.17
N ALA B 295 0.58 45.04 -21.65
CA ALA B 295 -0.79 45.50 -21.49
C ALA B 295 -1.72 44.69 -22.36
N LYS B 296 -3.01 44.74 -22.05
CA LYS B 296 -4.03 44.02 -22.78
C LYS B 296 -3.99 44.32 -24.29
N ASP B 297 -3.79 45.59 -24.67
CA ASP B 297 -3.74 45.99 -26.07
C ASP B 297 -2.78 45.13 -26.87
N GLU B 298 -1.51 45.25 -26.51
CA GLU B 298 -0.41 44.55 -27.15
C GLU B 298 -0.32 43.06 -26.85
N MET B 299 -1.33 42.51 -26.19
CA MET B 299 -1.31 41.10 -25.84
C MET B 299 -1.47 40.19 -27.07
N GLU B 300 -2.55 40.39 -27.81
CA GLU B 300 -2.79 39.59 -29.00
C GLU B 300 -1.64 39.69 -29.99
N LYS B 301 -1.20 40.91 -30.28
CA LYS B 301 -0.09 41.13 -31.22
C LYS B 301 1.12 40.33 -30.79
N ALA B 302 1.35 40.28 -29.49
CA ALA B 302 2.46 39.49 -28.97
C ALA B 302 1.94 38.05 -29.09
N GLY B 303 2.49 37.12 -28.33
CA GLY B 303 2.01 35.76 -28.44
C GLY B 303 1.18 35.32 -27.24
N TYR B 304 0.45 36.25 -26.66
CA TYR B 304 -0.35 35.93 -25.48
C TYR B 304 -1.85 36.14 -25.68
N GLY B 305 -2.31 36.07 -26.93
CA GLY B 305 -3.72 36.24 -27.20
C GLY B 305 -4.56 35.17 -26.53
N TYR B 306 -4.03 33.95 -26.45
CA TYR B 306 -4.76 32.84 -25.84
C TYR B 306 -5.01 33.09 -24.36
N LEU B 307 -4.47 34.19 -23.83
CA LEU B 307 -4.67 34.51 -22.43
C LEU B 307 -5.72 35.60 -22.23
N LEU B 308 -6.14 36.25 -23.31
CA LEU B 308 -7.14 37.32 -23.21
C LEU B 308 -8.41 36.91 -22.45
N PRO B 309 -8.95 35.72 -22.75
CA PRO B 309 -10.17 35.24 -22.08
C PRO B 309 -10.08 35.12 -20.57
N TYR B 310 -8.87 35.25 -20.03
CA TYR B 310 -8.68 35.11 -18.60
C TYR B 310 -8.41 36.40 -17.84
N LEU B 311 -8.16 37.48 -18.57
CA LEU B 311 -7.88 38.76 -17.92
C LEU B 311 -9.03 39.22 -17.04
N ASN B 312 -10.26 38.91 -17.44
CA ASN B 312 -11.42 39.31 -16.68
C ASN B 312 -11.57 38.54 -15.38
N LYS B 313 -11.98 39.24 -14.33
CA LYS B 313 -12.20 38.64 -13.02
C LYS B 313 -13.38 37.66 -13.09
N HIS C 1 -2.21 22.33 36.93
CA HIS C 1 -1.61 23.45 36.15
C HIS C 1 -1.55 23.16 34.65
N MET C 2 -1.36 24.23 33.87
CA MET C 2 -1.30 24.14 32.41
C MET C 2 -0.13 23.40 31.80
N ALA C 3 -0.39 22.88 30.60
CA ALA C 3 0.58 22.14 29.81
C ALA C 3 -0.01 22.07 28.41
N GLU C 4 0.83 21.78 27.44
CA GLU C 4 0.33 21.66 26.08
C GLU C 4 1.07 20.57 25.33
N ILE C 5 0.49 20.17 24.20
CA ILE C 5 1.05 19.15 23.34
C ILE C 5 0.49 19.41 21.94
N TYR C 6 1.27 19.15 20.90
CA TYR C 6 0.81 19.37 19.53
C TYR C 6 0.60 18.03 18.85
N LEU C 7 -0.60 17.84 18.31
CA LEU C 7 -0.98 16.58 17.67
C LEU C 7 -1.43 16.73 16.23
N ALA C 8 -0.92 15.85 15.38
CA ALA C 8 -1.29 15.85 13.97
C ALA C 8 -1.95 14.51 13.67
N GLY C 9 -3.20 14.54 13.22
CA GLY C 9 -3.89 13.31 12.91
C GLY C 9 -4.94 13.43 11.83
N GLY C 10 -4.56 13.92 10.66
CA GLY C 10 -5.53 14.10 9.58
C GLY C 10 -6.07 15.51 9.59
N CYS C 11 -7.15 15.76 8.85
CA CYS C 11 -7.75 17.10 8.78
C CYS C 11 -7.92 17.65 10.19
N PHE C 12 -7.30 18.77 10.51
CA PHE C 12 -7.43 19.28 11.87
C PHE C 12 -8.81 19.73 12.33
N TRP C 13 -9.78 19.84 11.43
CA TRP C 13 -11.11 20.25 11.86
C TRP C 13 -11.64 19.19 12.83
N GLY C 14 -11.75 17.96 12.34
CA GLY C 14 -12.26 16.90 13.18
C GLY C 14 -11.51 16.74 14.48
N LEU C 15 -10.18 16.66 14.38
CA LEU C 15 -9.33 16.48 15.53
C LEU C 15 -9.49 17.59 16.57
N GLU C 16 -9.62 18.84 16.14
CA GLU C 16 -9.79 19.93 17.09
C GLU C 16 -11.14 19.82 17.81
N GLU C 17 -12.20 19.54 17.06
CA GLU C 17 -13.53 19.39 17.64
C GLU C 17 -13.49 18.30 18.70
N TYR C 18 -12.90 17.17 18.31
CA TYR C 18 -12.79 16.02 19.21
C TYR C 18 -12.12 16.37 20.54
N PHE C 19 -10.97 17.03 20.51
CA PHE C 19 -10.27 17.39 21.74
C PHE C 19 -10.93 18.50 22.55
N SER C 20 -11.76 19.32 21.91
CA SER C 20 -12.41 20.40 22.64
C SER C 20 -13.39 19.81 23.63
N ARG C 21 -13.75 18.54 23.43
CA ARG C 21 -14.71 17.84 24.28
C ARG C 21 -14.09 17.03 25.41
N ILE C 22 -12.77 16.86 25.38
CA ILE C 22 -12.08 16.07 26.39
C ILE C 22 -11.95 16.81 27.71
N SER C 23 -12.34 16.15 28.79
CA SER C 23 -12.27 16.74 30.12
C SER C 23 -10.83 17.01 30.50
N GLY C 24 -10.54 18.27 30.80
CA GLY C 24 -9.19 18.64 31.16
C GLY C 24 -8.58 19.54 30.11
N VAL C 25 -9.13 19.47 28.89
CA VAL C 25 -8.62 20.30 27.82
C VAL C 25 -9.15 21.72 28.06
N LEU C 26 -8.23 22.66 28.17
CA LEU C 26 -8.59 24.05 28.43
C LEU C 26 -8.86 24.87 27.19
N GLU C 27 -8.00 24.69 26.19
CA GLU C 27 -8.12 25.43 24.93
C GLU C 27 -7.45 24.69 23.79
N THR C 28 -7.97 24.90 22.59
CA THR C 28 -7.42 24.29 21.38
C THR C 28 -7.35 25.34 20.28
N SER C 29 -6.51 25.07 19.29
CA SER C 29 -6.36 25.93 18.12
C SER C 29 -5.72 25.00 17.10
N VAL C 30 -5.90 25.31 15.82
CA VAL C 30 -5.30 24.50 14.78
C VAL C 30 -4.22 25.31 14.09
N GLY C 31 -3.28 24.61 13.47
CA GLY C 31 -2.21 25.29 12.78
C GLY C 31 -1.35 24.35 11.96
N TYR C 32 -0.23 24.89 11.50
CA TYR C 32 0.71 24.15 10.67
C TYR C 32 2.04 24.04 11.42
N ALA C 33 2.54 22.81 11.54
CA ALA C 33 3.78 22.60 12.29
C ALA C 33 4.82 21.81 11.53
N ASN C 34 6.06 21.93 12.00
CA ASN C 34 7.19 21.22 11.43
C ASN C 34 7.24 21.07 9.92
N GLY C 35 7.18 22.20 9.21
CA GLY C 35 7.29 22.19 7.77
C GLY C 35 8.75 22.41 7.45
N GLN C 36 9.09 22.83 6.24
CA GLN C 36 10.50 23.06 5.90
C GLN C 36 10.91 24.53 5.99
N VAL C 37 9.99 25.37 6.45
CA VAL C 37 10.25 26.79 6.61
C VAL C 37 9.27 27.31 7.66
N GLU C 38 9.57 28.47 8.24
CA GLU C 38 8.70 29.04 9.26
C GLU C 38 7.62 29.96 8.72
N THR C 39 7.16 29.70 7.49
CA THR C 39 6.12 30.50 6.87
C THR C 39 5.13 29.62 6.09
N THR C 40 3.83 29.90 6.24
CA THR C 40 2.78 29.17 5.54
C THR C 40 1.39 29.67 5.87
N ASN C 41 0.44 29.09 5.15
CA ASN C 41 -0.97 29.34 5.34
C ASN C 41 -1.62 28.25 4.50
N TYR C 42 -2.93 28.26 4.33
CA TYR C 42 -3.57 27.20 3.57
C TYR C 42 -3.06 27.07 2.15
N GLN C 43 -2.98 28.19 1.45
CA GLN C 43 -2.52 28.18 0.08
C GLN C 43 -1.08 27.69 -0.12
N LEU C 44 -0.20 27.89 0.86
CA LEU C 44 1.20 27.44 0.71
C LEU C 44 1.50 26.10 1.36
N LEU C 45 0.52 25.56 2.09
CA LEU C 45 0.67 24.30 2.80
C LEU C 45 1.31 23.13 2.05
N LYS C 46 0.84 22.84 0.84
CA LYS C 46 1.39 21.72 0.08
C LYS C 46 2.81 21.96 -0.39
N GLU C 47 3.22 23.23 -0.44
CA GLU C 47 4.55 23.56 -0.89
C GLU C 47 5.57 23.58 0.25
N THR C 48 5.12 23.91 1.46
CA THR C 48 5.99 24.00 2.62
C THR C 48 6.19 22.72 3.45
N ASP C 49 5.34 21.72 3.23
CA ASP C 49 5.45 20.43 3.93
C ASP C 49 5.06 20.40 5.43
N HIS C 50 4.27 21.37 5.89
CA HIS C 50 3.84 21.37 7.28
C HIS C 50 2.76 20.33 7.47
N ALA C 51 2.48 20.00 8.72
CA ALA C 51 1.46 19.02 9.02
C ALA C 51 0.31 19.75 9.66
N GLU C 52 -0.92 19.46 9.25
CA GLU C 52 -2.05 20.11 9.89
C GLU C 52 -1.98 19.61 11.33
N THR C 53 -1.85 20.54 12.27
CA THR C 53 -1.71 20.17 13.66
C THR C 53 -2.72 20.86 14.56
N VAL C 54 -3.03 20.18 15.67
CA VAL C 54 -3.94 20.71 16.67
C VAL C 54 -3.17 20.99 17.95
N GLN C 55 -3.31 22.19 18.46
CA GLN C 55 -2.65 22.57 19.70
C GLN C 55 -3.62 22.24 20.84
N VAL C 56 -3.14 21.50 21.84
CA VAL C 56 -4.00 21.13 22.95
C VAL C 56 -3.40 21.62 24.24
N ILE C 57 -4.06 22.60 24.84
CA ILE C 57 -3.64 23.16 26.10
C ILE C 57 -4.57 22.52 27.11
N TYR C 58 -3.98 21.85 28.09
CA TYR C 58 -4.77 21.15 29.09
C TYR C 58 -4.22 21.37 30.50
N ASP C 59 -5.04 21.06 31.49
CA ASP C 59 -4.67 21.16 32.89
C ASP C 59 -4.16 19.78 33.26
N GLU C 60 -2.85 19.64 33.38
CA GLU C 60 -2.25 18.34 33.66
C GLU C 60 -2.64 17.68 34.97
N LYS C 61 -3.34 18.40 35.82
CA LYS C 61 -3.77 17.84 37.09
C LYS C 61 -5.18 17.26 36.97
N GLU C 62 -5.81 17.46 35.81
CA GLU C 62 -7.15 16.96 35.56
C GLU C 62 -7.08 15.80 34.56
N VAL C 63 -6.20 15.95 33.58
CA VAL C 63 -5.96 14.94 32.55
C VAL C 63 -4.44 14.94 32.27
N SER C 64 -3.85 13.76 32.11
CA SER C 64 -2.41 13.65 31.89
C SER C 64 -1.96 13.61 30.43
N LEU C 65 -0.67 13.87 30.19
CA LEU C 65 -0.15 13.82 28.82
C LEU C 65 -0.45 12.42 28.30
N ARG C 66 -0.15 11.42 29.12
CA ARG C 66 -0.41 10.05 28.76
C ARG C 66 -1.88 9.89 28.33
N GLU C 67 -2.79 10.47 29.11
CA GLU C 67 -4.21 10.35 28.80
C GLU C 67 -4.62 11.07 27.54
N ILE C 68 -4.03 12.23 27.26
CA ILE C 68 -4.35 12.94 26.04
C ILE C 68 -3.89 12.04 24.89
N LEU C 69 -2.75 11.40 25.07
CA LEU C 69 -2.21 10.53 24.02
C LEU C 69 -3.09 9.31 23.76
N LEU C 70 -3.63 8.72 24.82
CA LEU C 70 -4.49 7.57 24.63
C LEU C 70 -5.71 8.03 23.86
N TYR C 71 -6.23 9.20 24.22
CA TYR C 71 -7.40 9.77 23.52
C TYR C 71 -7.07 9.99 22.06
N TYR C 72 -5.82 10.39 21.81
CA TYR C 72 -5.38 10.62 20.45
C TYR C 72 -5.28 9.32 19.67
N PHE C 73 -4.81 8.26 20.31
CA PHE C 73 -4.70 6.98 19.61
C PHE C 73 -6.01 6.24 19.38
N ARG C 74 -7.07 6.61 20.09
CA ARG C 74 -8.33 5.90 19.87
C ARG C 74 -9.06 6.42 18.64
N VAL C 75 -8.77 7.65 18.22
CA VAL C 75 -9.46 8.22 17.08
C VAL C 75 -8.65 8.40 15.78
N ILE C 76 -7.35 8.11 15.78
CA ILE C 76 -6.57 8.23 14.52
C ILE C 76 -6.11 6.86 14.01
N ASP C 77 -5.74 6.82 12.74
CA ASP C 77 -5.25 5.57 12.15
C ASP C 77 -3.74 5.61 12.42
N PRO C 78 -3.24 4.71 13.27
CA PRO C 78 -1.81 4.66 13.59
C PRO C 78 -0.89 3.96 12.59
N LEU C 79 -1.47 3.39 11.54
CA LEU C 79 -0.68 2.68 10.54
C LEU C 79 -0.67 3.44 9.23
N SER C 80 -1.74 4.18 9.00
CA SER C 80 -1.90 4.97 7.79
C SER C 80 -0.72 5.91 7.53
N ILE C 81 -0.15 5.83 6.33
CA ILE C 81 0.96 6.71 5.97
C ILE C 81 0.47 7.87 5.10
N ASN C 82 0.69 9.10 5.60
CA ASN C 82 0.29 10.32 4.91
C ASN C 82 -1.15 10.27 4.46
N GLN C 83 -2.03 9.83 5.36
CA GLN C 83 -3.44 9.73 5.04
C GLN C 83 -4.31 9.40 6.23
N GLN C 84 -5.51 9.97 6.23
CA GLN C 84 -6.50 9.75 7.28
C GLN C 84 -7.79 10.05 6.56
N GLY C 85 -8.63 9.03 6.39
CA GLY C 85 -9.89 9.22 5.69
C GLY C 85 -9.65 9.42 4.20
N ASN C 86 -10.37 10.38 3.61
CA ASN C 86 -10.23 10.67 2.18
C ASN C 86 -9.07 11.61 1.90
N ASP C 87 -8.66 12.37 2.91
CA ASP C 87 -7.57 13.31 2.74
C ASP C 87 -6.23 12.58 2.71
N ARG C 88 -5.52 12.72 1.59
CA ARG C 88 -4.24 12.08 1.42
C ARG C 88 -3.19 13.16 1.19
N GLY C 89 -1.96 12.92 1.64
CA GLY C 89 -0.90 13.91 1.47
C GLY C 89 -0.07 14.08 2.72
N ARG C 90 1.09 14.73 2.61
CA ARG C 90 1.94 14.93 3.77
C ARG C 90 1.43 15.89 4.83
N GLN C 91 0.54 16.80 4.46
CA GLN C 91 0.01 17.72 5.47
C GLN C 91 -0.94 16.96 6.39
N TYR C 92 -1.22 15.70 6.05
CA TYR C 92 -2.13 14.92 6.88
C TYR C 92 -1.43 13.80 7.65
N ARG C 93 -0.10 13.78 7.62
CA ARG C 93 0.65 12.75 8.32
C ARG C 93 0.43 12.83 9.84
N THR C 94 0.49 11.69 10.51
CA THR C 94 0.31 11.70 11.94
C THR C 94 1.63 12.00 12.65
N GLY C 95 1.55 12.80 13.70
CA GLY C 95 2.74 13.16 14.44
C GLY C 95 2.41 13.68 15.82
N ILE C 96 3.37 13.51 16.73
CA ILE C 96 3.25 13.98 18.11
C ILE C 96 4.46 14.89 18.28
N TYR C 97 4.20 16.19 18.38
CA TYR C 97 5.27 17.18 18.49
C TYR C 97 5.35 17.69 19.92
N TYR C 98 6.52 17.49 20.54
CA TYR C 98 6.74 17.89 21.93
C TYR C 98 7.74 19.03 22.07
N GLN C 99 7.85 19.55 23.28
CA GLN C 99 8.75 20.66 23.58
C GLN C 99 9.69 20.31 24.72
N ASP C 100 9.20 19.58 25.71
CA ASP C 100 10.02 19.22 26.85
C ASP C 100 10.46 17.76 26.82
N GLU C 101 11.75 17.57 26.54
CA GLU C 101 12.35 16.24 26.46
C GLU C 101 12.04 15.33 27.63
N ALA C 102 11.67 15.92 28.75
CA ALA C 102 11.35 15.10 29.92
C ALA C 102 10.01 14.39 29.71
N ASP C 103 9.28 14.80 28.68
CA ASP C 103 8.00 14.20 28.34
C ASP C 103 8.14 12.98 27.42
N LEU C 104 9.34 12.77 26.87
CA LEU C 104 9.53 11.67 25.95
C LEU C 104 9.28 10.25 26.47
N PRO C 105 9.81 9.91 27.66
CA PRO C 105 9.53 8.55 28.10
C PRO C 105 8.04 8.23 28.23
N ALA C 106 7.21 9.23 28.52
CA ALA C 106 5.77 8.98 28.64
C ALA C 106 5.18 8.83 27.23
N ILE C 107 5.66 9.64 26.29
CA ILE C 107 5.18 9.59 24.92
C ILE C 107 5.52 8.25 24.27
N TYR C 108 6.80 7.89 24.33
CA TYR C 108 7.23 6.63 23.73
C TYR C 108 6.69 5.38 24.41
N THR C 109 6.40 5.46 25.72
CA THR C 109 5.86 4.28 26.39
C THR C 109 4.44 4.02 25.86
N VAL C 110 3.72 5.08 25.49
CA VAL C 110 2.39 4.91 24.92
C VAL C 110 2.54 4.35 23.50
N VAL C 111 3.55 4.82 22.79
CA VAL C 111 3.80 4.36 21.43
C VAL C 111 4.16 2.87 21.42
N GLN C 112 4.98 2.45 22.38
CA GLN C 112 5.36 1.04 22.46
C GLN C 112 4.17 0.11 22.84
N GLU C 113 3.31 0.57 23.75
CA GLU C 113 2.15 -0.23 24.17
C GLU C 113 1.19 -0.34 22.98
N GLN C 114 1.07 0.75 22.24
CA GLN C 114 0.23 0.83 21.07
C GLN C 114 0.73 -0.16 20.00
N GLU C 115 2.05 -0.28 19.86
CA GLU C 115 2.62 -1.18 18.86
C GLU C 115 2.57 -2.64 19.27
N ARG C 116 2.76 -2.91 20.56
CA ARG C 116 2.74 -4.28 21.04
C ARG C 116 1.32 -4.82 20.90
N MET C 117 0.35 -3.92 20.99
CA MET C 117 -1.03 -4.30 20.86
C MET C 117 -1.39 -4.53 19.40
N LEU C 118 -0.90 -3.67 18.52
CA LEU C 118 -1.19 -3.81 17.09
C LEU C 118 -0.34 -4.91 16.47
N GLY C 119 0.78 -5.21 17.09
CA GLY C 119 1.67 -6.23 16.56
C GLY C 119 2.63 -5.71 15.53
N ARG C 120 2.49 -4.45 15.13
CA ARG C 120 3.37 -3.86 14.14
C ARG C 120 3.76 -2.43 14.52
N LYS C 121 4.73 -1.86 13.81
CA LYS C 121 5.18 -0.50 14.07
C LYS C 121 4.16 0.52 13.57
N ILE C 122 3.97 1.60 14.31
CA ILE C 122 3.01 2.63 13.89
C ILE C 122 3.73 3.68 13.05
N ALA C 123 2.99 4.30 12.15
CA ALA C 123 3.53 5.32 11.26
C ALA C 123 3.60 6.70 11.90
N VAL C 124 3.02 6.87 13.08
CA VAL C 124 3.05 8.16 13.74
C VAL C 124 4.50 8.54 13.99
N GLU C 125 4.83 9.79 13.74
CA GLU C 125 6.19 10.26 13.95
C GLU C 125 6.20 11.09 15.24
N VAL C 126 7.31 11.08 15.95
CA VAL C 126 7.39 11.90 17.15
C VAL C 126 8.71 12.65 17.10
N GLU C 127 8.62 13.97 17.12
CA GLU C 127 9.80 14.82 17.06
C GLU C 127 9.56 16.11 17.81
N GLN C 128 10.62 16.90 17.98
CA GLN C 128 10.50 18.15 18.69
C GLN C 128 9.73 19.18 17.87
N LEU C 129 8.89 19.95 18.52
CA LEU C 129 8.12 20.98 17.84
C LEU C 129 9.13 22.06 17.41
N ARG C 130 9.19 22.31 16.11
CA ARG C 130 10.11 23.31 15.58
C ARG C 130 9.43 24.67 15.51
N HIS C 131 8.23 24.68 14.96
CA HIS C 131 7.45 25.91 14.82
C HIS C 131 5.98 25.56 14.60
N TYR C 132 5.11 26.39 15.17
CA TYR C 132 3.69 26.20 15.02
C TYR C 132 3.11 27.50 14.52
N ILE C 133 2.48 27.42 13.35
CA ILE C 133 1.89 28.59 12.71
C ILE C 133 0.37 28.55 12.72
N LEU C 134 -0.24 29.37 13.58
CA LEU C 134 -1.69 29.45 13.68
C LEU C 134 -2.31 29.53 12.30
N ALA C 135 -3.35 28.74 12.04
CA ALA C 135 -4.00 28.76 10.73
C ALA C 135 -4.99 29.91 10.67
N GLU C 136 -5.45 30.24 9.46
CA GLU C 136 -6.41 31.33 9.28
C GLU C 136 -7.63 31.14 10.16
N ASP C 137 -8.27 32.25 10.53
CA ASP C 137 -9.43 32.18 11.40
C ASP C 137 -10.58 31.30 10.92
N TYR C 138 -10.82 31.20 9.62
CA TYR C 138 -11.93 30.38 9.18
C TYR C 138 -11.70 28.90 9.46
N HIS C 139 -10.45 28.52 9.72
CA HIS C 139 -10.12 27.15 10.04
C HIS C 139 -10.27 26.85 11.52
N GLN C 140 -10.09 27.89 12.36
CA GLN C 140 -10.21 27.73 13.80
C GLN C 140 -11.65 27.37 14.20
N ASP C 141 -11.80 26.39 15.07
CA ASP C 141 -13.12 25.94 15.53
C ASP C 141 -14.08 25.71 14.35
N TYR C 142 -13.50 25.34 13.22
CA TYR C 142 -14.26 25.10 12.00
C TYR C 142 -15.57 24.34 12.17
N LEU C 143 -15.50 23.15 12.75
CA LEU C 143 -16.69 22.33 12.96
C LEU C 143 -17.73 22.95 13.91
N ARG C 144 -17.32 23.96 14.67
CA ARG C 144 -18.23 24.63 15.57
C ARG C 144 -19.01 25.63 14.71
N LYS C 145 -18.27 26.41 13.91
CA LYS C 145 -18.86 27.41 13.03
C LYS C 145 -19.62 26.76 11.88
N ASN C 146 -19.14 25.62 11.43
CA ASN C 146 -19.77 24.93 10.32
C ASN C 146 -20.19 23.52 10.66
N PRO C 147 -21.28 23.35 11.42
CA PRO C 147 -21.63 21.96 11.70
C PRO C 147 -21.93 21.38 10.32
N SER C 148 -22.03 20.06 10.21
CA SER C 148 -22.28 19.45 8.91
C SER C 148 -21.08 19.74 8.02
N GLY C 149 -19.93 19.92 8.66
CA GLY C 149 -18.71 20.15 7.93
C GLY C 149 -18.01 18.82 7.81
N TYR C 150 -17.04 18.71 6.91
CA TYR C 150 -16.34 17.45 6.74
C TYR C 150 -15.70 16.97 8.04
N CYS C 151 -15.97 15.72 8.41
CA CYS C 151 -15.44 15.14 9.62
C CYS C 151 -15.40 13.62 9.55
N HIS C 152 -14.22 13.07 9.29
CA HIS C 152 -14.04 11.62 9.19
C HIS C 152 -14.30 10.93 10.52
N ILE C 153 -13.66 11.40 11.58
CA ILE C 153 -13.81 10.79 12.89
C ILE C 153 -15.14 11.06 13.56
N ASP C 154 -15.47 10.23 14.55
CA ASP C 154 -16.69 10.37 15.31
C ASP C 154 -16.30 11.14 16.56
N VAL C 155 -16.58 12.43 16.55
CA VAL C 155 -16.26 13.29 17.67
C VAL C 155 -16.92 12.80 18.94
N THR C 156 -17.82 11.84 18.78
CA THR C 156 -18.55 11.25 19.90
C THR C 156 -17.67 10.42 20.83
N ASP C 157 -16.70 9.73 20.26
CA ASP C 157 -15.81 8.89 21.05
C ASP C 157 -15.15 9.73 22.13
N ALA C 158 -15.19 11.04 21.96
CA ALA C 158 -14.58 11.93 22.92
C ALA C 158 -15.27 11.80 24.27
N ASP C 159 -16.55 11.45 24.23
CA ASP C 159 -17.34 11.36 25.43
C ASP C 159 -17.47 9.97 26.06
N LYS C 160 -16.76 8.99 25.51
CA LYS C 160 -16.78 7.64 26.06
C LYS C 160 -15.70 7.59 27.14
N PRO C 161 -15.94 6.84 28.22
CA PRO C 161 -14.93 6.77 29.28
C PRO C 161 -13.60 6.15 28.84
N LEU C 162 -12.51 6.62 29.41
CA LEU C 162 -11.19 6.08 29.12
C LEU C 162 -10.62 5.41 30.37
N ILE C 163 -10.54 4.08 30.38
CA ILE C 163 -9.98 3.40 31.56
C ILE C 163 -8.54 2.98 31.23
N ASP C 164 -7.57 3.60 31.88
CA ASP C 164 -6.16 3.31 31.62
C ASP C 164 -5.70 2.16 32.51
N ALA C 165 -5.46 1.02 31.87
CA ALA C 165 -5.04 -0.19 32.56
C ALA C 165 -3.79 0.03 33.38
N ALA C 166 -2.94 0.95 32.92
CA ALA C 166 -1.69 1.24 33.64
C ALA C 166 -1.96 1.67 35.09
N ASN C 167 -3.16 2.18 35.36
CA ASN C 167 -3.51 2.60 36.72
C ASN C 167 -3.91 1.40 37.58
N TYR C 168 -4.20 0.26 36.96
CA TYR C 168 -4.64 -0.91 37.71
C TYR C 168 -3.80 -2.15 37.49
N GLU C 169 -2.50 -2.01 37.70
CA GLU C 169 -1.58 -3.13 37.54
C GLU C 169 -1.97 -4.25 38.49
N LYS C 170 -1.70 -5.50 38.09
CA LYS C 170 -2.02 -6.64 38.94
C LYS C 170 -0.87 -6.86 39.92
N PRO C 171 -1.19 -6.90 41.23
CA PRO C 171 -0.18 -7.11 42.27
C PRO C 171 0.41 -8.51 42.14
N SER C 172 1.54 -8.75 42.79
CA SER C 172 2.18 -10.06 42.77
C SER C 172 1.14 -11.08 43.25
N GLN C 173 1.31 -12.33 42.87
CA GLN C 173 0.36 -13.36 43.27
C GLN C 173 0.31 -13.51 44.79
N GLU C 174 1.46 -13.38 45.46
CA GLU C 174 1.45 -13.51 46.89
C GLU C 174 0.75 -12.34 47.60
N VAL C 175 0.81 -11.15 47.02
CA VAL C 175 0.15 -10.00 47.62
C VAL C 175 -1.37 -10.21 47.53
N LEU C 176 -1.83 -10.80 46.43
CA LEU C 176 -3.26 -11.07 46.27
C LEU C 176 -3.66 -12.15 47.27
N LYS C 177 -2.78 -13.14 47.43
CA LYS C 177 -3.04 -14.25 48.34
C LYS C 177 -3.25 -13.70 49.74
N ALA C 178 -2.44 -12.71 50.10
CA ALA C 178 -2.53 -12.12 51.42
C ALA C 178 -3.63 -11.10 51.55
N SER C 179 -3.94 -10.41 50.45
CA SER C 179 -4.96 -9.35 50.47
C SER C 179 -6.42 -9.75 50.29
N LEU C 180 -6.68 -10.84 49.58
CA LEU C 180 -8.07 -11.23 49.38
C LEU C 180 -8.56 -12.23 50.43
N SER C 181 -9.89 -12.32 50.55
CA SER C 181 -10.47 -13.28 51.48
C SER C 181 -10.31 -14.59 50.74
N GLU C 182 -10.22 -15.68 51.48
CA GLU C 182 -10.06 -16.99 50.88
C GLU C 182 -11.03 -17.18 49.70
N GLU C 183 -12.26 -16.71 49.86
CA GLU C 183 -13.24 -16.86 48.80
C GLU C 183 -12.90 -16.02 47.55
N SER C 184 -12.70 -14.72 47.72
CA SER C 184 -12.35 -13.90 46.56
C SER C 184 -11.15 -14.49 45.85
N TYR C 185 -10.21 -15.04 46.60
CA TYR C 185 -9.02 -15.63 45.99
C TYR C 185 -9.39 -16.88 45.22
N ARG C 186 -10.16 -17.76 45.83
CA ARG C 186 -10.56 -18.97 45.14
C ARG C 186 -11.32 -18.64 43.85
N VAL C 187 -12.32 -17.77 43.96
CA VAL C 187 -13.13 -17.40 42.81
C VAL C 187 -12.33 -16.71 41.73
N THR C 188 -11.67 -15.65 42.15
CA THR C 188 -10.89 -14.82 41.28
C THR C 188 -9.66 -15.46 40.62
N GLN C 189 -8.91 -16.25 41.39
CA GLN C 189 -7.70 -16.88 40.87
C GLN C 189 -7.83 -18.35 40.50
N GLU C 190 -8.86 -19.02 40.99
CA GLU C 190 -9.02 -20.44 40.70
C GLU C 190 -10.34 -20.77 40.02
N ALA C 191 -11.07 -19.72 39.65
CA ALA C 191 -12.35 -19.86 38.96
C ALA C 191 -13.46 -20.54 39.75
N ALA C 192 -13.46 -20.39 41.07
CA ALA C 192 -14.52 -20.98 41.89
C ALA C 192 -15.77 -20.12 41.75
N THR C 193 -16.86 -20.54 42.38
CA THR C 193 -18.12 -19.80 42.30
C THR C 193 -18.70 -19.64 43.70
N GLU C 194 -19.05 -18.41 44.07
CA GLU C 194 -19.65 -18.14 45.37
C GLU C 194 -21.07 -18.67 45.39
N ALA C 195 -21.63 -18.81 46.59
CA ALA C 195 -23.00 -19.30 46.74
C ALA C 195 -24.03 -18.34 46.14
N PRO C 196 -25.05 -18.89 45.49
CA PRO C 196 -26.19 -18.28 44.81
C PRO C 196 -26.89 -17.03 45.33
N PHE C 197 -27.33 -16.97 46.58
CA PHE C 197 -28.06 -15.77 46.99
C PHE C 197 -27.55 -15.05 48.22
N THR C 198 -26.58 -15.67 48.86
CA THR C 198 -25.98 -15.15 50.07
C THR C 198 -24.85 -14.15 49.78
N ASN C 199 -24.58 -13.87 48.51
CA ASN C 199 -23.49 -12.96 48.15
C ASN C 199 -23.85 -11.48 48.30
N ALA C 200 -22.85 -10.70 48.71
CA ALA C 200 -23.00 -9.28 48.99
C ALA C 200 -23.69 -8.31 48.04
N TYR C 201 -23.52 -8.46 46.74
CA TYR C 201 -24.11 -7.50 45.81
C TYR C 201 -25.29 -7.99 45.00
N ASP C 202 -25.76 -9.19 45.30
CA ASP C 202 -26.87 -9.74 44.56
C ASP C 202 -28.07 -8.82 44.49
N GLN C 203 -28.44 -8.25 45.63
CA GLN C 203 -29.59 -7.34 45.70
C GLN C 203 -29.18 -5.90 45.82
N THR C 204 -27.90 -5.63 45.61
CA THR C 204 -27.42 -4.26 45.70
C THR C 204 -27.77 -3.49 44.43
N PHE C 205 -28.35 -2.31 44.60
CA PHE C 205 -28.70 -1.48 43.47
C PHE C 205 -28.48 0.00 43.71
N GLU C 206 -27.44 0.32 44.48
CA GLU C 206 -27.11 1.72 44.76
C GLU C 206 -26.24 2.33 43.65
N GLU C 207 -26.30 3.66 43.51
CA GLU C 207 -25.53 4.35 42.49
C GLU C 207 -24.02 4.27 42.71
N GLY C 208 -23.28 4.20 41.61
CA GLY C 208 -21.84 4.10 41.72
C GLY C 208 -21.27 3.09 40.74
N ILE C 209 -20.12 2.49 41.09
CA ILE C 209 -19.48 1.53 40.20
C ILE C 209 -18.99 0.23 40.87
N TYR C 210 -18.73 -0.77 40.04
CA TYR C 210 -18.23 -2.05 40.51
C TYR C 210 -16.84 -2.24 39.90
N VAL C 211 -15.88 -2.43 40.78
CA VAL C 211 -14.50 -2.55 40.39
C VAL C 211 -13.91 -3.95 40.56
N ASP C 212 -12.89 -4.28 39.75
CA ASP C 212 -12.22 -5.58 39.87
C ASP C 212 -11.54 -5.60 41.23
N ILE C 213 -11.94 -6.54 42.09
CA ILE C 213 -11.40 -6.59 43.44
C ILE C 213 -9.90 -6.93 43.52
N THR C 214 -9.34 -7.43 42.42
CA THR C 214 -7.92 -7.78 42.42
C THR C 214 -6.98 -6.66 41.94
N THR C 215 -7.50 -5.70 41.19
CA THR C 215 -6.68 -4.62 40.66
C THR C 215 -7.26 -3.23 40.88
N GLY C 216 -8.56 -3.16 41.12
CA GLY C 216 -9.20 -1.87 41.32
C GLY C 216 -9.70 -1.32 40.00
N GLU C 217 -9.47 -2.06 38.92
CA GLU C 217 -9.89 -1.61 37.61
C GLU C 217 -11.43 -1.52 37.45
N PRO C 218 -11.95 -0.34 37.08
CA PRO C 218 -13.39 -0.17 36.89
C PRO C 218 -13.92 -1.22 35.91
N LEU C 219 -15.05 -1.86 36.26
CA LEU C 219 -15.67 -2.89 35.42
C LEU C 219 -17.13 -2.62 35.02
N PHE C 220 -17.98 -2.30 35.99
CA PHE C 220 -19.39 -2.06 35.68
C PHE C 220 -20.01 -0.80 36.30
N PHE C 221 -20.99 -0.21 35.60
CA PHE C 221 -21.71 0.96 36.12
C PHE C 221 -22.95 0.43 36.82
N ALA C 222 -23.42 1.13 37.84
CA ALA C 222 -24.62 0.71 38.54
C ALA C 222 -25.82 0.77 37.59
N LYS C 223 -25.77 1.70 36.62
CA LYS C 223 -26.87 1.86 35.69
C LYS C 223 -27.08 0.66 34.78
N ASP C 224 -26.05 -0.18 34.63
CA ASP C 224 -26.19 -1.35 33.77
C ASP C 224 -26.49 -2.64 34.56
N LYS C 225 -26.68 -2.51 35.87
CA LYS C 225 -26.99 -3.65 36.71
C LYS C 225 -28.52 -3.76 36.69
N PHE C 226 -29.04 -4.99 36.71
CA PHE C 226 -30.47 -5.17 36.70
C PHE C 226 -30.96 -6.27 37.62
N ALA C 227 -32.28 -6.32 37.81
CA ALA C 227 -32.92 -7.31 38.69
C ALA C 227 -32.89 -8.68 38.06
N SER C 228 -32.42 -9.65 38.82
CA SER C 228 -32.35 -11.01 38.32
C SER C 228 -32.63 -11.93 39.50
N GLY C 229 -33.12 -13.12 39.18
CA GLY C 229 -33.40 -14.08 40.24
C GLY C 229 -32.36 -15.18 40.22
N CYS C 230 -31.43 -15.11 39.27
CA CYS C 230 -30.40 -16.14 39.16
C CYS C 230 -29.62 -16.32 40.45
N GLY C 231 -29.49 -15.23 41.21
CA GLY C 231 -28.77 -15.32 42.47
C GLY C 231 -27.54 -14.43 42.51
N TRP C 232 -26.87 -14.27 41.38
CA TRP C 232 -25.67 -13.42 41.32
C TRP C 232 -25.91 -12.08 40.63
N PRO C 233 -25.16 -11.05 41.03
CA PRO C 233 -25.34 -9.74 40.39
C PRO C 233 -25.26 -9.90 38.88
N SER C 234 -26.10 -9.15 38.18
CA SER C 234 -26.17 -9.25 36.74
C SER C 234 -26.14 -7.90 36.05
N PHE C 235 -25.32 -7.78 35.00
CA PHE C 235 -25.22 -6.53 34.25
C PHE C 235 -25.47 -6.81 32.78
N SER C 236 -25.88 -5.78 32.05
CA SER C 236 -26.16 -5.96 30.64
C SER C 236 -24.93 -5.74 29.75
N ARG C 237 -23.89 -5.15 30.32
CA ARG C 237 -22.69 -4.86 29.54
C ARG C 237 -21.57 -4.33 30.42
N PRO C 238 -20.32 -4.54 30.03
CA PRO C 238 -19.21 -4.05 30.84
C PRO C 238 -19.19 -2.52 30.76
N LEU C 239 -18.61 -1.92 31.78
CA LEU C 239 -18.52 -0.48 31.89
C LEU C 239 -18.25 0.21 30.58
N SER C 240 -19.32 0.67 29.95
CA SER C 240 -19.30 1.36 28.66
C SER C 240 -18.01 1.17 27.87
N LYS C 241 -17.36 0.02 28.10
CA LYS C 241 -16.11 -0.31 27.42
C LYS C 241 -15.92 -1.79 27.22
N GLU C 242 -16.06 -2.20 25.97
CA GLU C 242 -15.89 -3.60 25.59
C GLU C 242 -14.50 -4.15 25.91
N LEU C 243 -13.47 -3.35 25.68
CA LEU C 243 -12.08 -3.73 25.92
C LEU C 243 -11.79 -4.31 27.33
N ILE C 244 -12.69 -4.04 28.26
CA ILE C 244 -12.56 -4.46 29.65
C ILE C 244 -12.81 -5.94 29.96
N HIS C 245 -13.35 -6.68 28.99
CA HIS C 245 -13.61 -8.10 29.19
C HIS C 245 -13.01 -9.10 28.25
N TYR C 246 -12.48 -10.18 28.82
CA TYR C 246 -11.91 -11.26 28.01
C TYR C 246 -12.93 -12.39 28.05
N TYR C 247 -13.25 -12.92 26.87
CA TYR C 247 -14.23 -13.98 26.74
C TYR C 247 -13.54 -15.31 26.44
N LYS C 248 -13.86 -16.33 27.22
CA LYS C 248 -13.26 -17.65 27.04
C LYS C 248 -14.36 -18.73 26.99
N ASP C 249 -14.20 -19.74 26.13
CA ASP C 249 -15.19 -20.81 26.07
C ASP C 249 -15.02 -21.68 27.32
N LEU C 250 -16.12 -22.10 27.95
CA LEU C 250 -16.01 -22.94 29.16
C LEU C 250 -16.92 -24.17 29.18
N SER C 251 -16.37 -25.26 29.69
CA SER C 251 -17.09 -26.53 29.84
C SER C 251 -16.96 -27.03 31.31
N HIS C 252 -18.09 -27.19 32.01
CA HIS C 252 -18.12 -27.64 33.40
C HIS C 252 -19.27 -28.64 33.53
N GLY C 253 -19.57 -29.30 32.42
CA GLY C 253 -20.67 -30.25 32.37
C GLY C 253 -21.55 -29.66 31.28
N MET C 254 -21.44 -28.36 31.12
CA MET C 254 -22.20 -27.62 30.13
C MET C 254 -21.27 -26.83 29.21
N GLU C 255 -21.85 -25.98 28.38
CA GLU C 255 -21.09 -25.14 27.46
C GLU C 255 -21.45 -23.70 27.73
N ARG C 256 -20.51 -22.98 28.32
CA ARG C 256 -20.75 -21.57 28.63
C ARG C 256 -19.64 -20.68 28.09
N ILE C 257 -19.74 -19.41 28.44
CA ILE C 257 -18.76 -18.40 28.05
C ILE C 257 -18.36 -17.70 29.32
N GLU C 258 -17.12 -17.93 29.75
CA GLU C 258 -16.62 -17.29 30.97
C GLU C 258 -16.12 -15.88 30.64
N VAL C 259 -16.12 -15.01 31.64
CA VAL C 259 -15.63 -13.66 31.48
C VAL C 259 -14.61 -13.32 32.56
N ARG C 260 -13.53 -12.66 32.15
CA ARG C 260 -12.47 -12.25 33.07
C ARG C 260 -12.18 -10.77 32.87
N SER C 261 -11.53 -10.15 33.86
CA SER C 261 -11.19 -8.75 33.78
C SER C 261 -9.97 -8.57 32.87
N ARG C 262 -9.85 -7.41 32.24
CA ARG C 262 -8.73 -7.16 31.35
C ARG C 262 -7.37 -7.13 32.03
N SER C 263 -7.20 -6.19 32.95
CA SER C 263 -5.91 -6.01 33.62
C SER C 263 -5.46 -7.14 34.56
N GLY C 264 -6.36 -7.66 35.38
CA GLY C 264 -5.95 -8.72 36.29
C GLY C 264 -6.28 -10.13 35.84
N SER C 265 -6.91 -10.27 34.68
CA SER C 265 -7.31 -11.59 34.20
C SER C 265 -7.97 -12.36 35.35
N ALA C 266 -8.82 -11.68 36.10
CA ALA C 266 -9.51 -12.31 37.21
C ALA C 266 -10.76 -13.05 36.69
N HIS C 267 -11.07 -14.18 37.28
CA HIS C 267 -12.28 -14.89 36.87
C HIS C 267 -13.44 -14.07 37.47
N LEU C 268 -14.35 -13.61 36.62
CA LEU C 268 -15.49 -12.81 37.10
C LEU C 268 -16.76 -13.64 37.18
N GLY C 269 -17.01 -14.44 36.15
CA GLY C 269 -18.20 -15.25 36.10
C GLY C 269 -18.48 -15.70 34.68
N HIS C 270 -19.72 -15.60 34.24
CA HIS C 270 -20.07 -16.00 32.88
C HIS C 270 -21.10 -15.05 32.26
N VAL C 271 -21.20 -15.07 30.94
CA VAL C 271 -22.16 -14.21 30.28
C VAL C 271 -23.16 -15.07 29.51
N PHE C 272 -24.44 -14.76 29.68
CA PHE C 272 -25.50 -15.50 29.02
C PHE C 272 -26.29 -14.56 28.11
N THR C 273 -27.04 -15.14 27.17
CA THR C 273 -27.84 -14.34 26.24
C THR C 273 -29.33 -14.35 26.54
N ASP C 274 -29.67 -14.29 27.82
CA ASP C 274 -31.06 -14.31 28.27
C ASP C 274 -31.36 -13.10 29.14
N GLY C 275 -30.68 -11.99 28.89
CA GLY C 275 -30.90 -10.79 29.66
C GLY C 275 -31.99 -9.96 29.02
N PRO C 276 -32.46 -8.89 29.68
CA PRO C 276 -33.52 -8.02 29.15
C PRO C 276 -33.23 -7.61 27.72
N ARG C 277 -34.15 -7.88 26.81
CA ARG C 277 -33.95 -7.54 25.41
C ARG C 277 -33.72 -6.05 25.16
N GLU C 278 -34.23 -5.21 26.05
CA GLU C 278 -34.07 -3.76 25.88
C GLU C 278 -32.66 -3.25 26.21
N LEU C 279 -31.99 -3.91 27.14
CA LEU C 279 -30.65 -3.49 27.55
C LEU C 279 -29.54 -4.10 26.68
N GLY C 280 -29.94 -4.92 25.72
CA GLY C 280 -28.96 -5.54 24.86
C GLY C 280 -29.13 -7.04 24.78
N GLY C 281 -29.85 -7.62 25.76
CA GLY C 281 -30.11 -9.05 25.78
C GLY C 281 -29.11 -9.96 26.46
N LEU C 282 -28.02 -9.40 26.97
CA LEU C 282 -27.00 -10.20 27.62
C LEU C 282 -27.08 -10.12 29.13
N ARG C 283 -26.50 -11.12 29.78
CA ARG C 283 -26.48 -11.15 31.23
C ARG C 283 -25.07 -11.48 31.70
N TYR C 284 -24.38 -10.48 32.23
CA TYR C 284 -23.05 -10.72 32.76
C TYR C 284 -23.29 -11.12 34.20
N CYS C 285 -23.30 -12.44 34.42
CA CYS C 285 -23.52 -13.01 35.73
C CYS C 285 -22.18 -12.98 36.42
N ILE C 286 -22.05 -12.08 37.39
CA ILE C 286 -20.80 -11.84 38.08
C ILE C 286 -20.75 -12.15 39.57
N ASN C 287 -19.69 -12.83 39.99
CA ASN C 287 -19.50 -13.15 41.40
C ASN C 287 -19.29 -11.85 42.18
N SER C 288 -19.85 -11.79 43.38
CA SER C 288 -19.69 -10.61 44.22
C SER C 288 -18.26 -10.59 44.76
N ALA C 289 -17.76 -11.79 45.04
CA ALA C 289 -16.42 -11.97 45.59
C ALA C 289 -15.31 -11.48 44.65
N SER C 290 -15.66 -11.16 43.41
CA SER C 290 -14.64 -10.69 42.49
C SER C 290 -14.80 -9.19 42.25
N LEU C 291 -15.60 -8.55 43.10
CA LEU C 291 -15.87 -7.12 42.95
C LEU C 291 -15.85 -6.32 44.24
N ARG C 292 -15.62 -5.03 44.09
CA ARG C 292 -15.63 -4.08 45.19
C ARG C 292 -16.55 -2.98 44.70
N PHE C 293 -17.62 -2.72 45.45
CA PHE C 293 -18.55 -1.67 45.05
C PHE C 293 -18.07 -0.36 45.60
N VAL C 294 -18.07 0.66 44.76
CA VAL C 294 -17.65 1.98 45.19
C VAL C 294 -18.85 2.90 44.97
N ALA C 295 -19.48 3.29 46.07
CA ALA C 295 -20.63 4.18 46.02
C ALA C 295 -20.35 5.52 45.34
N LYS C 296 -21.35 6.07 44.64
CA LYS C 296 -21.18 7.36 43.97
C LYS C 296 -20.50 8.41 44.85
N ASP C 297 -20.95 8.53 46.10
CA ASP C 297 -20.40 9.51 47.03
C ASP C 297 -19.02 9.20 47.61
N GLU C 298 -18.46 8.04 47.27
CA GLU C 298 -17.14 7.69 47.78
C GLU C 298 -16.15 7.62 46.63
N MET C 299 -16.67 7.70 45.40
CA MET C 299 -15.85 7.63 44.20
C MET C 299 -14.68 8.62 44.13
N GLU C 300 -14.94 9.89 44.36
CA GLU C 300 -13.88 10.91 44.30
C GLU C 300 -12.75 10.51 45.22
N LYS C 301 -13.06 10.32 46.50
CA LYS C 301 -12.06 9.94 47.49
C LYS C 301 -11.41 8.58 47.23
N ALA C 302 -12.03 7.75 46.42
CA ALA C 302 -11.49 6.43 46.15
C ALA C 302 -10.63 6.41 44.89
N GLY C 303 -10.48 7.58 44.27
CA GLY C 303 -9.66 7.67 43.06
C GLY C 303 -10.42 7.42 41.78
N TYR C 304 -11.75 7.52 41.85
CA TYR C 304 -12.58 7.28 40.66
C TYR C 304 -13.40 8.49 40.24
N GLY C 305 -12.91 9.67 40.60
CA GLY C 305 -13.60 10.90 40.25
C GLY C 305 -13.91 11.00 38.76
N TYR C 306 -12.96 10.59 37.91
CA TYR C 306 -13.15 10.71 36.47
C TYR C 306 -14.31 9.89 35.89
N LEU C 307 -14.88 8.99 36.68
CA LEU C 307 -15.99 8.19 36.17
C LEU C 307 -17.36 8.83 36.42
N LEU C 308 -17.35 10.03 36.99
CA LEU C 308 -18.55 10.83 37.18
C LEU C 308 -18.24 11.77 36.00
N PRO C 309 -19.22 12.10 35.14
CA PRO C 309 -20.63 11.84 34.96
C PRO C 309 -20.92 10.79 33.91
N TYR C 310 -20.49 9.56 34.14
CA TYR C 310 -20.79 8.53 33.17
C TYR C 310 -21.82 7.64 33.83
N LEU C 311 -22.16 7.97 35.07
CA LEU C 311 -23.12 7.20 35.85
C LEU C 311 -24.56 7.25 35.37
N ASN C 312 -24.93 8.29 34.64
CA ASN C 312 -26.29 8.42 34.14
C ASN C 312 -26.35 8.00 32.67
N LYS C 313 -27.48 7.38 32.28
CA LYS C 313 -27.64 6.93 30.90
C LYS C 313 -28.18 8.05 30.02
N HIS D 1 -34.45 -24.19 15.20
CA HIS D 1 -34.14 -22.73 15.29
C HIS D 1 -33.06 -22.33 14.29
N MET D 2 -33.20 -21.12 13.73
CA MET D 2 -32.24 -20.62 12.76
C MET D 2 -31.86 -19.16 13.02
N ALA D 3 -30.65 -18.81 12.61
CA ALA D 3 -30.14 -17.45 12.79
C ALA D 3 -29.40 -16.97 11.55
N GLU D 4 -29.01 -15.70 11.59
CA GLU D 4 -28.31 -15.07 10.49
C GLU D 4 -27.08 -14.34 10.97
N ILE D 5 -26.02 -14.35 10.17
CA ILE D 5 -24.79 -13.64 10.50
C ILE D 5 -24.25 -13.09 9.18
N TYR D 6 -23.70 -11.87 9.22
CA TYR D 6 -23.15 -11.22 8.03
C TYR D 6 -21.61 -11.15 8.05
N LEU D 7 -20.99 -11.74 7.02
CA LEU D 7 -19.53 -11.80 6.92
C LEU D 7 -18.93 -11.14 5.68
N ALA D 8 -18.03 -10.19 5.90
CA ALA D 8 -17.35 -9.51 4.80
C ALA D 8 -15.93 -10.05 4.82
N GLY D 9 -15.49 -10.59 3.71
CA GLY D 9 -14.15 -11.12 3.67
C GLY D 9 -13.50 -11.03 2.31
N GLY D 10 -13.67 -9.90 1.63
CA GLY D 10 -13.09 -9.77 0.32
C GLY D 10 -14.16 -9.96 -0.75
N CYS D 11 -13.77 -10.39 -1.94
CA CYS D 11 -14.75 -10.57 -3.00
C CYS D 11 -15.76 -11.61 -2.53
N PHE D 12 -17.04 -11.24 -2.54
CA PHE D 12 -18.06 -12.18 -2.08
C PHE D 12 -18.40 -13.37 -2.99
N TRP D 13 -17.95 -13.37 -4.24
CA TRP D 13 -18.24 -14.49 -5.14
C TRP D 13 -17.65 -15.77 -4.58
N GLY D 14 -16.41 -15.70 -4.12
CA GLY D 14 -15.75 -16.86 -3.57
C GLY D 14 -16.23 -17.12 -2.16
N LEU D 15 -16.53 -16.06 -1.42
CA LEU D 15 -16.96 -16.24 -0.06
C LEU D 15 -18.35 -16.89 0.08
N GLU D 16 -19.28 -16.55 -0.81
CA GLU D 16 -20.62 -17.13 -0.72
C GLU D 16 -20.59 -18.60 -1.12
N GLU D 17 -19.96 -18.90 -2.25
CA GLU D 17 -19.84 -20.28 -2.70
C GLU D 17 -19.27 -21.12 -1.58
N TYR D 18 -18.28 -20.58 -0.89
CA TYR D 18 -17.64 -21.28 0.22
C TYR D 18 -18.64 -21.66 1.31
N PHE D 19 -19.44 -20.69 1.73
CA PHE D 19 -20.42 -20.93 2.78
C PHE D 19 -21.62 -21.78 2.36
N SER D 20 -21.94 -21.78 1.08
CA SER D 20 -23.06 -22.58 0.60
C SER D 20 -22.72 -24.04 0.80
N ARG D 21 -21.42 -24.36 0.68
CA ARG D 21 -20.93 -25.73 0.84
C ARG D 21 -20.73 -26.16 2.28
N ILE D 22 -21.24 -25.41 3.24
CA ILE D 22 -21.07 -25.78 4.65
C ILE D 22 -22.28 -26.45 5.30
N SER D 23 -22.02 -27.57 5.98
CA SER D 23 -23.08 -28.32 6.64
C SER D 23 -23.77 -27.44 7.67
N GLY D 24 -25.06 -27.22 7.49
CA GLY D 24 -25.80 -26.40 8.43
C GLY D 24 -26.30 -25.12 7.82
N VAL D 25 -25.61 -24.65 6.79
CA VAL D 25 -26.01 -23.43 6.12
C VAL D 25 -27.18 -23.82 5.22
N LEU D 26 -28.23 -23.01 5.19
CA LEU D 26 -29.37 -23.32 4.34
C LEU D 26 -29.68 -22.25 3.31
N GLU D 27 -29.14 -21.04 3.51
CA GLU D 27 -29.37 -19.98 2.56
C GLU D 27 -28.34 -18.86 2.66
N THR D 28 -27.77 -18.50 1.51
CA THR D 28 -26.77 -17.44 1.44
C THR D 28 -27.10 -16.43 0.34
N SER D 29 -26.58 -15.22 0.51
CA SER D 29 -26.76 -14.14 -0.45
C SER D 29 -25.55 -13.24 -0.31
N VAL D 30 -25.49 -12.19 -1.12
CA VAL D 30 -24.37 -11.26 -1.05
C VAL D 30 -24.92 -9.86 -1.14
N GLY D 31 -24.20 -8.92 -0.55
CA GLY D 31 -24.67 -7.56 -0.57
C GLY D 31 -23.63 -6.57 -0.10
N TYR D 32 -24.12 -5.39 0.25
CA TYR D 32 -23.29 -4.30 0.71
C TYR D 32 -23.79 -3.91 2.08
N ALA D 33 -22.89 -3.80 3.04
CA ALA D 33 -23.29 -3.46 4.40
C ALA D 33 -22.43 -2.40 5.07
N ASN D 34 -23.05 -1.71 6.02
CA ASN D 34 -22.39 -0.67 6.80
C ASN D 34 -21.63 0.42 6.04
N GLY D 35 -22.28 0.98 5.01
CA GLY D 35 -21.66 2.05 4.24
C GLY D 35 -21.97 3.38 4.88
N GLN D 36 -21.82 4.48 4.14
CA GLN D 36 -22.09 5.81 4.67
C GLN D 36 -23.43 6.37 4.17
N VAL D 37 -24.17 5.56 3.42
CA VAL D 37 -25.47 5.95 2.90
C VAL D 37 -26.38 4.74 2.93
N GLU D 38 -27.69 4.97 3.01
CA GLU D 38 -28.65 3.87 3.07
C GLU D 38 -28.72 2.98 1.83
N THR D 39 -28.24 3.47 0.70
CA THR D 39 -28.30 2.66 -0.52
C THR D 39 -27.09 2.78 -1.45
N THR D 40 -26.86 1.70 -2.19
CA THR D 40 -25.76 1.63 -3.15
C THR D 40 -26.06 0.53 -4.13
N ASN D 41 -25.10 0.29 -5.03
CA ASN D 41 -25.16 -0.75 -6.04
C ASN D 41 -23.70 -1.05 -6.35
N TYR D 42 -23.45 -1.84 -7.38
CA TYR D 42 -22.07 -2.18 -7.72
C TYR D 42 -21.29 -0.98 -8.27
N GLN D 43 -21.97 0.01 -8.84
CA GLN D 43 -21.32 1.19 -9.39
C GLN D 43 -20.94 2.21 -8.33
N LEU D 44 -21.88 2.52 -7.44
CA LEU D 44 -21.63 3.49 -6.39
C LEU D 44 -20.93 2.90 -5.18
N LEU D 45 -20.63 1.61 -5.24
CA LEU D 45 -19.97 0.89 -4.14
C LEU D 45 -18.71 1.56 -3.60
N LYS D 46 -17.76 1.86 -4.47
CA LYS D 46 -16.51 2.49 -4.07
C LYS D 46 -16.72 3.89 -3.52
N GLU D 47 -17.92 4.44 -3.69
CA GLU D 47 -18.21 5.78 -3.19
C GLU D 47 -18.97 5.78 -1.87
N THR D 48 -19.73 4.71 -1.63
CA THR D 48 -20.53 4.62 -0.41
C THR D 48 -19.91 3.94 0.82
N ASP D 49 -18.65 3.53 0.72
CA ASP D 49 -17.94 2.90 1.82
C ASP D 49 -18.56 1.60 2.33
N HIS D 50 -19.34 0.94 1.47
CA HIS D 50 -19.95 -0.31 1.84
C HIS D 50 -18.95 -1.43 1.70
N ALA D 51 -19.15 -2.48 2.49
CA ALA D 51 -18.27 -3.64 2.45
C ALA D 51 -19.01 -4.77 1.77
N GLU D 52 -18.35 -5.47 0.86
CA GLU D 52 -19.00 -6.60 0.20
C GLU D 52 -19.23 -7.59 1.32
N THR D 53 -20.47 -7.95 1.53
CA THR D 53 -20.81 -8.87 2.60
C THR D 53 -21.65 -10.06 2.14
N VAL D 54 -21.40 -11.20 2.77
CA VAL D 54 -22.12 -12.43 2.48
C VAL D 54 -23.03 -12.74 3.66
N GLN D 55 -24.34 -12.81 3.40
CA GLN D 55 -25.31 -13.13 4.43
C GLN D 55 -25.40 -14.64 4.58
N VAL D 56 -25.22 -15.14 5.79
CA VAL D 56 -25.31 -16.57 6.03
C VAL D 56 -26.41 -16.98 7.01
N ILE D 57 -27.47 -17.57 6.46
CA ILE D 57 -28.61 -18.09 7.25
C ILE D 57 -28.26 -19.55 7.55
N TYR D 58 -28.21 -19.91 8.83
CA TYR D 58 -27.88 -21.27 9.18
C TYR D 58 -28.79 -21.83 10.26
N ASP D 59 -28.68 -23.14 10.47
CA ASP D 59 -29.47 -23.85 11.46
C ASP D 59 -28.58 -24.11 12.68
N GLU D 60 -28.86 -23.42 13.78
CA GLU D 60 -28.07 -23.58 15.00
C GLU D 60 -27.98 -25.03 15.45
N LYS D 61 -28.94 -25.84 15.02
CA LYS D 61 -28.97 -27.24 15.42
C LYS D 61 -27.89 -28.03 14.69
N GLU D 62 -27.56 -27.61 13.48
CA GLU D 62 -26.56 -28.31 12.68
C GLU D 62 -25.17 -27.67 12.77
N VAL D 63 -25.13 -26.34 12.81
CA VAL D 63 -23.87 -25.61 12.89
C VAL D 63 -23.99 -24.39 13.79
N SER D 64 -23.06 -24.27 14.73
CA SER D 64 -23.07 -23.16 15.68
C SER D 64 -22.45 -21.90 15.09
N LEU D 65 -22.77 -20.75 15.68
CA LEU D 65 -22.22 -19.49 15.21
C LEU D 65 -20.71 -19.57 15.33
N ARG D 66 -20.26 -20.15 16.44
CA ARG D 66 -18.85 -20.32 16.69
C ARG D 66 -18.22 -21.07 15.52
N GLU D 67 -18.89 -22.10 15.04
CA GLU D 67 -18.36 -22.88 13.94
C GLU D 67 -18.33 -22.07 12.65
N ILE D 68 -19.40 -21.34 12.38
CA ILE D 68 -19.43 -20.51 11.17
C ILE D 68 -18.19 -19.62 11.21
N LEU D 69 -17.94 -19.01 12.36
CA LEU D 69 -16.80 -18.12 12.54
C LEU D 69 -15.46 -18.81 12.29
N LEU D 70 -15.30 -20.01 12.80
CA LEU D 70 -14.05 -20.74 12.59
C LEU D 70 -13.88 -20.94 11.08
N TYR D 71 -14.97 -21.26 10.39
CA TYR D 71 -14.88 -21.47 8.95
C TYR D 71 -14.53 -20.17 8.25
N TYR D 72 -14.90 -19.07 8.87
CA TYR D 72 -14.64 -17.75 8.29
C TYR D 72 -13.17 -17.36 8.41
N PHE D 73 -12.58 -17.62 9.57
CA PHE D 73 -11.18 -17.27 9.79
C PHE D 73 -10.20 -18.13 9.02
N ARG D 74 -10.66 -19.26 8.47
CA ARG D 74 -9.75 -20.12 7.74
C ARG D 74 -9.73 -19.75 6.26
N VAL D 75 -10.60 -18.83 5.84
CA VAL D 75 -10.63 -18.43 4.45
C VAL D 75 -10.22 -16.97 4.21
N ILE D 76 -10.08 -16.19 5.29
CA ILE D 76 -9.66 -14.80 5.17
C ILE D 76 -8.31 -14.50 5.85
N ASP D 77 -7.68 -13.42 5.40
CA ASP D 77 -6.42 -12.95 5.96
C ASP D 77 -6.93 -12.07 7.11
N PRO D 78 -6.68 -12.49 8.36
CA PRO D 78 -7.11 -11.76 9.55
C PRO D 78 -6.41 -10.44 9.88
N LEU D 79 -5.22 -10.24 9.33
CA LEU D 79 -4.44 -9.03 9.63
C LEU D 79 -4.44 -8.03 8.50
N SER D 80 -4.86 -8.46 7.32
CA SER D 80 -4.89 -7.57 6.19
C SER D 80 -5.88 -6.44 6.38
N ILE D 81 -5.47 -5.24 6.00
CA ILE D 81 -6.33 -4.08 6.09
C ILE D 81 -6.79 -3.71 4.68
N ASN D 82 -8.10 -3.65 4.47
CA ASN D 82 -8.67 -3.30 3.18
C ASN D 82 -8.11 -4.10 2.00
N GLN D 83 -7.96 -5.40 2.17
CA GLN D 83 -7.46 -6.23 1.07
C GLN D 83 -7.54 -7.73 1.32
N GLN D 84 -7.95 -8.46 0.30
CA GLN D 84 -8.04 -9.91 0.37
C GLN D 84 -7.67 -10.33 -1.04
N GLY D 85 -6.64 -11.18 -1.16
CA GLY D 85 -6.22 -11.59 -2.49
C GLY D 85 -5.67 -10.38 -3.22
N ASN D 86 -6.14 -10.14 -4.45
CA ASN D 86 -5.67 -9.00 -5.22
C ASN D 86 -6.66 -7.83 -5.21
N ASP D 87 -7.69 -7.92 -4.38
CA ASP D 87 -8.66 -6.85 -4.33
C ASP D 87 -8.34 -5.89 -3.20
N ARG D 88 -8.10 -4.63 -3.55
CA ARG D 88 -7.76 -3.63 -2.55
C ARG D 88 -8.88 -2.61 -2.48
N GLY D 89 -9.19 -2.14 -1.27
CA GLY D 89 -10.26 -1.17 -1.12
C GLY D 89 -11.11 -1.47 0.09
N ARG D 90 -11.84 -0.48 0.57
CA ARG D 90 -12.67 -0.67 1.73
C ARG D 90 -13.82 -1.66 1.49
N GLN D 91 -14.25 -1.81 0.24
CA GLN D 91 -15.33 -2.74 -0.01
C GLN D 91 -14.88 -4.19 0.20
N TYR D 92 -13.58 -4.37 0.43
CA TYR D 92 -13.02 -5.70 0.66
C TYR D 92 -12.49 -5.86 2.06
N ARG D 93 -12.84 -4.93 2.94
CA ARG D 93 -12.37 -5.01 4.31
C ARG D 93 -13.08 -6.15 5.01
N THR D 94 -12.40 -6.76 5.98
CA THR D 94 -12.99 -7.85 6.72
C THR D 94 -13.92 -7.29 7.77
N GLY D 95 -15.04 -7.99 7.97
CA GLY D 95 -16.00 -7.57 8.97
C GLY D 95 -16.98 -8.67 9.33
N ILE D 96 -17.38 -8.68 10.59
CA ILE D 96 -18.36 -9.62 11.13
C ILE D 96 -19.47 -8.73 11.66
N TYR D 97 -20.58 -8.69 10.93
CA TYR D 97 -21.71 -7.85 11.32
C TYR D 97 -22.82 -8.71 11.88
N TYR D 98 -23.30 -8.34 13.06
CA TYR D 98 -24.35 -9.09 13.72
C TYR D 98 -25.66 -8.33 13.80
N GLN D 99 -26.76 -9.08 13.73
CA GLN D 99 -28.09 -8.52 13.82
C GLN D 99 -28.45 -8.64 15.26
N ASP D 100 -28.55 -9.89 15.68
CA ASP D 100 -28.89 -10.22 17.05
C ASP D 100 -27.71 -9.86 17.93
N GLU D 101 -27.97 -9.00 18.90
CA GLU D 101 -26.94 -8.54 19.81
C GLU D 101 -26.50 -9.60 20.82
N ALA D 102 -27.16 -10.75 20.80
CA ALA D 102 -26.83 -11.85 21.70
C ALA D 102 -25.68 -12.66 21.12
N ASP D 103 -25.30 -12.35 19.90
CA ASP D 103 -24.22 -13.05 19.22
C ASP D 103 -22.83 -12.60 19.69
N LEU D 104 -22.77 -11.44 20.34
CA LEU D 104 -21.49 -10.90 20.80
C LEU D 104 -20.62 -11.86 21.59
N PRO D 105 -21.12 -12.34 22.74
CA PRO D 105 -20.28 -13.26 23.50
C PRO D 105 -19.56 -14.31 22.64
N ALA D 106 -20.26 -14.96 21.73
CA ALA D 106 -19.61 -15.97 20.89
C ALA D 106 -18.61 -15.31 19.92
N ILE D 107 -19.00 -14.20 19.29
CA ILE D 107 -18.11 -13.51 18.36
C ILE D 107 -16.82 -13.08 19.06
N TYR D 108 -16.96 -12.43 20.22
CA TYR D 108 -15.81 -11.97 20.99
C TYR D 108 -14.90 -13.12 21.39
N THR D 109 -15.48 -14.25 21.79
CA THR D 109 -14.66 -15.39 22.20
C THR D 109 -13.76 -15.83 21.05
N VAL D 110 -14.33 -15.88 19.85
CA VAL D 110 -13.57 -16.30 18.68
C VAL D 110 -12.54 -15.24 18.26
N VAL D 111 -12.92 -13.97 18.33
CA VAL D 111 -12.00 -12.90 17.95
C VAL D 111 -10.78 -12.90 18.88
N GLN D 112 -11.02 -12.90 20.19
CA GLN D 112 -9.91 -12.88 21.14
C GLN D 112 -9.06 -14.14 21.05
N GLU D 113 -9.64 -15.28 20.72
CA GLU D 113 -8.88 -16.53 20.60
C GLU D 113 -7.90 -16.41 19.44
N GLN D 114 -8.36 -15.83 18.34
CA GLN D 114 -7.54 -15.63 17.14
C GLN D 114 -6.38 -14.72 17.48
N GLU D 115 -6.66 -13.69 18.26
CA GLU D 115 -5.64 -12.73 18.65
C GLU D 115 -4.63 -13.33 19.60
N ARG D 116 -5.11 -14.02 20.63
CA ARG D 116 -4.21 -14.65 21.58
C ARG D 116 -3.27 -15.59 20.88
N MET D 117 -3.73 -16.19 19.78
CA MET D 117 -2.87 -17.13 19.06
C MET D 117 -1.99 -16.46 18.02
N LEU D 118 -2.24 -15.17 17.78
CA LEU D 118 -1.42 -14.43 16.82
C LEU D 118 -0.59 -13.38 17.55
N GLY D 119 -0.85 -13.22 18.84
CA GLY D 119 -0.11 -12.24 19.62
C GLY D 119 -0.56 -10.81 19.39
N ARG D 120 -1.23 -10.56 18.26
CA ARG D 120 -1.69 -9.21 17.97
C ARG D 120 -3.16 -9.13 17.56
N LYS D 121 -3.78 -8.00 17.87
CA LYS D 121 -5.18 -7.83 17.54
C LYS D 121 -5.35 -7.96 16.03
N ILE D 122 -6.47 -8.54 15.60
CA ILE D 122 -6.71 -8.73 14.18
C ILE D 122 -7.34 -7.51 13.53
N ALA D 123 -7.28 -7.46 12.21
CA ALA D 123 -7.85 -6.33 11.47
C ALA D 123 -9.36 -6.42 11.28
N VAL D 124 -9.94 -7.59 11.54
CA VAL D 124 -11.38 -7.80 11.35
C VAL D 124 -12.19 -6.93 12.30
N GLU D 125 -13.12 -6.15 11.75
CA GLU D 125 -13.96 -5.28 12.55
C GLU D 125 -15.26 -6.00 12.88
N VAL D 126 -15.76 -5.78 14.09
CA VAL D 126 -17.01 -6.38 14.48
C VAL D 126 -17.94 -5.28 14.98
N GLU D 127 -19.09 -5.15 14.34
CA GLU D 127 -20.05 -4.13 14.72
C GLU D 127 -21.48 -4.51 14.33
N GLN D 128 -22.43 -3.72 14.84
CA GLN D 128 -23.84 -3.93 14.58
C GLN D 128 -24.13 -3.78 13.08
N LEU D 129 -25.04 -4.59 12.55
CA LEU D 129 -25.39 -4.48 11.14
C LEU D 129 -26.30 -3.28 11.00
N ARG D 130 -25.85 -2.24 10.29
CA ARG D 130 -26.68 -1.05 10.11
C ARG D 130 -27.71 -1.24 9.02
N HIS D 131 -27.28 -1.87 7.93
CA HIS D 131 -28.17 -2.13 6.80
C HIS D 131 -27.45 -3.04 5.83
N TYR D 132 -28.22 -3.90 5.18
CA TYR D 132 -27.69 -4.85 4.23
C TYR D 132 -28.47 -4.77 2.93
N ILE D 133 -27.85 -4.12 1.95
CA ILE D 133 -28.43 -3.95 0.63
C ILE D 133 -28.08 -5.15 -0.25
N LEU D 134 -29.11 -5.91 -0.66
CA LEU D 134 -28.89 -7.09 -1.49
C LEU D 134 -28.26 -6.68 -2.80
N ALA D 135 -27.23 -7.42 -3.20
CA ALA D 135 -26.51 -7.13 -4.44
C ALA D 135 -27.33 -7.48 -5.67
N GLU D 136 -26.94 -6.94 -6.81
CA GLU D 136 -27.63 -7.20 -8.06
C GLU D 136 -27.68 -8.72 -8.29
N ASP D 137 -28.53 -9.13 -9.21
CA ASP D 137 -28.73 -10.55 -9.50
C ASP D 137 -27.54 -11.31 -10.07
N TYR D 138 -26.69 -10.65 -10.85
CA TYR D 138 -25.55 -11.35 -11.44
C TYR D 138 -24.53 -11.79 -10.41
N HIS D 139 -24.57 -11.19 -9.22
CA HIS D 139 -23.64 -11.51 -8.14
C HIS D 139 -24.08 -12.69 -7.29
N GLN D 140 -25.39 -12.84 -7.12
CA GLN D 140 -25.95 -13.92 -6.32
C GLN D 140 -25.58 -15.27 -6.92
N ASP D 141 -25.07 -16.16 -6.08
CA ASP D 141 -24.66 -17.50 -6.52
C ASP D 141 -23.83 -17.42 -7.80
N TYR D 142 -23.02 -16.37 -7.90
CA TYR D 142 -22.16 -16.15 -9.07
C TYR D 142 -21.41 -17.41 -9.50
N LEU D 143 -20.66 -18.00 -8.58
CA LEU D 143 -19.89 -19.20 -8.90
C LEU D 143 -20.82 -20.35 -9.32
N ARG D 144 -22.06 -20.35 -8.80
CA ARG D 144 -23.03 -21.37 -9.16
C ARG D 144 -23.76 -20.96 -10.42
N LYS D 145 -23.00 -20.44 -11.36
CA LYS D 145 -23.50 -20.00 -12.65
C LYS D 145 -22.28 -20.06 -13.55
N ASN D 146 -21.12 -19.83 -12.94
CA ASN D 146 -19.84 -19.87 -13.63
C ASN D 146 -18.92 -20.75 -12.80
N PRO D 147 -19.11 -22.07 -12.88
CA PRO D 147 -18.33 -23.08 -12.16
C PRO D 147 -16.83 -22.84 -12.15
N SER D 148 -16.32 -22.16 -13.17
CA SER D 148 -14.89 -21.88 -13.22
C SER D 148 -14.61 -20.38 -13.22
N GLY D 149 -15.58 -19.61 -12.73
CA GLY D 149 -15.41 -18.17 -12.66
C GLY D 149 -14.20 -17.81 -11.83
N TYR D 150 -13.95 -16.52 -11.65
CA TYR D 150 -12.80 -16.08 -10.88
C TYR D 150 -12.99 -16.37 -9.40
N CYS D 151 -11.90 -16.73 -8.70
CA CYS D 151 -11.98 -17.07 -7.29
C CYS D 151 -10.58 -17.17 -6.69
N HIS D 152 -10.30 -16.38 -5.64
CA HIS D 152 -8.98 -16.40 -5.01
C HIS D 152 -8.92 -17.30 -3.77
N ILE D 153 -10.03 -17.95 -3.43
CA ILE D 153 -10.05 -18.85 -2.28
C ILE D 153 -10.43 -20.27 -2.73
N ASP D 154 -9.99 -21.25 -1.95
CA ASP D 154 -10.26 -22.65 -2.24
C ASP D 154 -11.56 -23.12 -1.58
N VAL D 155 -12.66 -22.96 -2.30
CA VAL D 155 -13.95 -23.35 -1.77
C VAL D 155 -14.00 -24.81 -1.33
N THR D 156 -13.01 -25.60 -1.71
CA THR D 156 -13.00 -26.99 -1.30
C THR D 156 -12.39 -27.11 0.09
N ASP D 157 -12.33 -25.99 0.80
CA ASP D 157 -11.81 -25.99 2.16
C ASP D 157 -13.01 -26.10 3.08
N ALA D 158 -14.17 -25.68 2.56
CA ALA D 158 -15.42 -25.72 3.30
C ALA D 158 -15.84 -27.16 3.53
N ASP D 159 -15.26 -28.06 2.77
CA ASP D 159 -15.59 -29.46 2.88
C ASP D 159 -14.51 -30.19 3.70
N LYS D 160 -13.55 -29.43 4.22
CA LYS D 160 -12.49 -30.02 5.03
C LYS D 160 -12.93 -29.97 6.49
N PRO D 161 -12.58 -31.01 7.26
CA PRO D 161 -12.96 -31.07 8.68
C PRO D 161 -12.44 -29.91 9.51
N LEU D 162 -13.22 -29.49 10.49
CA LEU D 162 -12.79 -28.42 11.37
C LEU D 162 -12.83 -28.91 12.80
N ILE D 163 -11.65 -28.96 13.40
CA ILE D 163 -11.46 -29.40 14.77
C ILE D 163 -11.35 -28.18 15.68
N ASP D 164 -12.26 -28.09 16.64
CA ASP D 164 -12.32 -26.98 17.57
C ASP D 164 -11.43 -27.26 18.78
N ALA D 165 -10.33 -26.53 18.87
CA ALA D 165 -9.37 -26.70 19.95
C ALA D 165 -9.98 -26.61 21.33
N ALA D 166 -11.04 -25.83 21.47
CA ALA D 166 -11.68 -25.67 22.76
C ALA D 166 -12.11 -27.03 23.31
N ASN D 167 -12.56 -27.92 22.44
CA ASN D 167 -12.99 -29.24 22.84
C ASN D 167 -11.89 -30.14 23.40
N TYR D 168 -10.64 -29.65 23.39
CA TYR D 168 -9.55 -30.46 23.88
C TYR D 168 -8.52 -29.68 24.68
N GLU D 169 -8.93 -29.08 25.79
CA GLU D 169 -7.99 -28.31 26.60
C GLU D 169 -6.93 -29.17 27.28
N LYS D 170 -5.70 -28.66 27.29
CA LYS D 170 -4.57 -29.35 27.89
C LYS D 170 -4.75 -29.55 29.38
N PRO D 171 -4.83 -30.82 29.84
CA PRO D 171 -4.99 -31.07 31.28
C PRO D 171 -3.91 -30.34 32.07
N SER D 172 -4.05 -30.32 33.38
CA SER D 172 -3.07 -29.66 34.24
C SER D 172 -1.76 -30.44 34.21
N GLN D 173 -0.64 -29.76 34.48
CA GLN D 173 0.64 -30.45 34.47
C GLN D 173 0.58 -31.65 35.41
N GLU D 174 0.26 -31.38 36.68
CA GLU D 174 0.16 -32.43 37.69
C GLU D 174 -0.70 -33.60 37.23
N VAL D 175 -1.92 -33.29 36.81
CA VAL D 175 -2.83 -34.34 36.36
C VAL D 175 -2.20 -35.18 35.25
N LEU D 176 -1.36 -34.55 34.44
CA LEU D 176 -0.69 -35.27 33.36
C LEU D 176 0.38 -36.17 33.96
N LYS D 177 1.15 -35.62 34.88
CA LYS D 177 2.21 -36.37 35.56
C LYS D 177 1.63 -37.64 36.19
N ALA D 178 0.32 -37.64 36.43
CA ALA D 178 -0.34 -38.79 37.05
C ALA D 178 -1.13 -39.65 36.07
N SER D 179 -1.64 -39.05 35.01
CA SER D 179 -2.43 -39.79 34.03
C SER D 179 -1.61 -40.44 32.92
N LEU D 180 -0.46 -39.86 32.61
CA LEU D 180 0.39 -40.38 31.57
C LEU D 180 1.40 -41.41 32.05
N SER D 181 1.67 -42.38 31.19
CA SER D 181 2.65 -43.40 31.51
C SER D 181 4.00 -42.69 31.51
N GLU D 182 4.91 -43.14 32.37
CA GLU D 182 6.25 -42.54 32.50
C GLU D 182 6.85 -42.30 31.11
N GLU D 183 6.59 -43.23 30.20
CA GLU D 183 7.06 -43.15 28.83
C GLU D 183 6.38 -41.96 28.13
N SER D 184 5.05 -41.95 28.14
CA SER D 184 4.27 -40.90 27.51
C SER D 184 4.55 -39.49 28.02
N TYR D 185 4.86 -39.36 29.30
CA TYR D 185 5.13 -38.05 29.85
C TYR D 185 6.50 -37.56 29.38
N ARG D 186 7.51 -38.42 29.48
CA ARG D 186 8.86 -38.06 29.07
C ARG D 186 8.95 -37.65 27.60
N VAL D 187 8.20 -38.32 26.74
CA VAL D 187 8.21 -38.01 25.32
C VAL D 187 7.43 -36.72 25.04
N THR D 188 6.22 -36.67 25.57
CA THR D 188 5.31 -35.54 25.37
C THR D 188 5.71 -34.24 26.04
N GLN D 189 6.16 -34.32 27.29
CA GLN D 189 6.51 -33.13 28.04
C GLN D 189 7.99 -32.76 28.08
N GLU D 190 8.87 -33.70 27.76
CA GLU D 190 10.30 -33.43 27.83
C GLU D 190 11.03 -33.63 26.49
N ALA D 191 10.27 -33.97 25.46
CA ALA D 191 10.83 -34.18 24.12
C ALA D 191 11.73 -35.42 23.98
N ALA D 192 11.44 -36.45 24.76
CA ALA D 192 12.20 -37.69 24.68
C ALA D 192 11.74 -38.43 23.43
N THR D 193 12.45 -39.51 23.08
CA THR D 193 12.08 -40.27 21.91
C THR D 193 12.00 -41.75 22.25
N GLU D 194 10.85 -42.35 21.95
CA GLU D 194 10.62 -43.76 22.22
C GLU D 194 11.50 -44.62 21.32
N ALA D 195 11.68 -45.88 21.70
CA ALA D 195 12.49 -46.80 20.93
C ALA D 195 11.96 -46.94 19.52
N PRO D 196 12.86 -47.19 18.56
CA PRO D 196 12.61 -47.36 17.13
C PRO D 196 11.51 -48.29 16.62
N PHE D 197 11.52 -49.57 16.99
CA PHE D 197 10.48 -50.48 16.45
C PHE D 197 9.56 -51.14 17.47
N THR D 198 9.84 -50.95 18.75
CA THR D 198 9.03 -51.57 19.79
C THR D 198 7.79 -50.76 20.19
N ASN D 199 7.66 -49.55 19.68
CA ASN D 199 6.51 -48.69 19.98
C ASN D 199 5.20 -49.29 19.47
N ALA D 200 4.10 -48.89 20.11
CA ALA D 200 2.77 -49.41 19.80
C ALA D 200 2.18 -49.34 18.38
N TYR D 201 2.31 -48.20 17.69
CA TYR D 201 1.70 -48.07 16.37
C TYR D 201 2.61 -48.12 15.16
N ASP D 202 3.87 -48.46 15.34
CA ASP D 202 4.77 -48.51 14.19
C ASP D 202 4.19 -49.34 13.06
N GLN D 203 3.59 -50.49 13.41
CA GLN D 203 3.03 -51.35 12.38
C GLN D 203 1.50 -51.39 12.37
N THR D 204 0.90 -50.46 13.10
CA THR D 204 -0.54 -50.36 13.15
C THR D 204 -0.98 -49.73 11.84
N PHE D 205 -2.01 -50.29 11.21
CA PHE D 205 -2.50 -49.73 9.96
C PHE D 205 -3.98 -50.01 9.79
N GLU D 206 -4.74 -49.79 10.86
CA GLU D 206 -6.18 -50.04 10.81
C GLU D 206 -6.99 -48.74 10.64
N GLU D 207 -8.14 -48.86 9.97
CA GLU D 207 -9.02 -47.72 9.74
C GLU D 207 -9.19 -46.98 11.06
N GLY D 208 -9.24 -45.66 10.98
CA GLY D 208 -9.39 -44.88 12.20
C GLY D 208 -8.61 -43.59 12.17
N ILE D 209 -8.34 -43.05 13.36
CA ILE D 209 -7.64 -41.79 13.50
C ILE D 209 -6.67 -41.83 14.70
N TYR D 210 -5.59 -41.06 14.61
CA TYR D 210 -4.63 -41.00 15.69
C TYR D 210 -4.86 -39.69 16.41
N VAL D 211 -4.88 -39.75 17.73
CA VAL D 211 -5.17 -38.61 18.57
C VAL D 211 -4.08 -38.24 19.59
N ASP D 212 -4.11 -36.99 20.02
CA ASP D 212 -3.15 -36.49 21.00
C ASP D 212 -3.44 -37.06 22.39
N ILE D 213 -2.59 -38.00 22.80
CA ILE D 213 -2.72 -38.67 24.08
C ILE D 213 -2.82 -37.72 25.25
N THR D 214 -2.28 -36.52 25.10
CA THR D 214 -2.31 -35.55 26.17
C THR D 214 -3.60 -34.73 26.22
N THR D 215 -4.33 -34.66 25.11
CA THR D 215 -5.55 -33.84 25.09
C THR D 215 -6.77 -34.45 24.42
N GLY D 216 -6.55 -35.37 23.49
CA GLY D 216 -7.67 -35.98 22.79
C GLY D 216 -7.87 -35.28 21.46
N GLU D 217 -7.12 -34.21 21.22
CA GLU D 217 -7.23 -33.49 19.97
C GLU D 217 -6.73 -34.33 18.78
N PRO D 218 -7.58 -34.54 17.78
CA PRO D 218 -7.28 -35.32 16.56
C PRO D 218 -6.05 -34.79 15.83
N LEU D 219 -5.14 -35.68 15.46
CA LEU D 219 -3.92 -35.28 14.77
C LEU D 219 -3.74 -35.86 13.36
N PHE D 220 -3.84 -37.18 13.21
CA PHE D 220 -3.65 -37.77 11.88
C PHE D 220 -4.73 -38.77 11.46
N PHE D 221 -4.89 -38.92 10.14
CA PHE D 221 -5.86 -39.87 9.58
C PHE D 221 -5.14 -41.13 9.16
N ALA D 222 -5.71 -42.28 9.51
CA ALA D 222 -5.12 -43.54 9.16
C ALA D 222 -4.83 -43.59 7.65
N LYS D 223 -5.62 -42.86 6.86
CA LYS D 223 -5.43 -42.85 5.42
C LYS D 223 -4.18 -42.06 4.98
N ASP D 224 -3.56 -41.35 5.90
CA ASP D 224 -2.36 -40.57 5.57
C ASP D 224 -1.12 -41.22 6.17
N LYS D 225 -1.35 -42.31 6.91
CA LYS D 225 -0.28 -43.07 7.54
C LYS D 225 0.28 -43.96 6.46
N PHE D 226 1.57 -43.87 6.21
CA PHE D 226 2.16 -44.72 5.19
C PHE D 226 3.22 -45.63 5.78
N ALA D 227 3.52 -46.70 5.06
CA ALA D 227 4.53 -47.66 5.50
C ALA D 227 5.93 -47.06 5.39
N SER D 228 6.57 -46.92 6.54
CA SER D 228 7.92 -46.37 6.59
C SER D 228 8.80 -47.38 7.29
N GLY D 229 10.09 -47.37 6.95
CA GLY D 229 11.01 -48.32 7.56
C GLY D 229 11.85 -47.68 8.64
N CYS D 230 11.46 -46.48 9.09
CA CYS D 230 12.24 -45.81 10.12
C CYS D 230 11.95 -46.39 11.51
N GLY D 231 10.79 -47.03 11.65
CA GLY D 231 10.43 -47.64 12.91
C GLY D 231 9.37 -46.92 13.72
N TRP D 232 9.14 -45.64 13.42
CA TRP D 232 8.14 -44.87 14.14
C TRP D 232 6.95 -44.59 13.22
N PRO D 233 5.77 -44.35 13.81
CA PRO D 233 4.60 -44.06 13.00
C PRO D 233 4.94 -42.89 12.08
N SER D 234 4.56 -42.97 10.82
CA SER D 234 4.87 -41.93 9.86
C SER D 234 3.65 -41.54 9.03
N PHE D 235 3.43 -40.23 8.91
CA PHE D 235 2.30 -39.74 8.15
C PHE D 235 2.75 -38.68 7.15
N SER D 236 1.97 -38.52 6.09
CA SER D 236 2.29 -37.57 5.04
C SER D 236 1.77 -36.15 5.34
N ARG D 237 0.82 -36.06 6.26
CA ARG D 237 0.23 -34.77 6.59
C ARG D 237 -0.69 -34.87 7.79
N PRO D 238 -0.80 -33.78 8.56
CA PRO D 238 -1.67 -33.77 9.74
C PRO D 238 -3.12 -33.91 9.28
N LEU D 239 -3.99 -34.22 10.23
CA LEU D 239 -5.39 -34.42 9.96
C LEU D 239 -5.99 -33.23 9.22
N SER D 240 -6.22 -33.43 7.92
CA SER D 240 -6.77 -32.43 7.01
C SER D 240 -6.88 -30.99 7.51
N LYS D 241 -5.90 -30.60 8.32
CA LYS D 241 -5.83 -29.26 8.87
C LYS D 241 -4.39 -29.06 9.27
N GLU D 242 -3.69 -28.14 8.59
CA GLU D 242 -2.30 -27.89 8.91
C GLU D 242 -2.21 -27.00 10.14
N LEU D 243 -3.37 -26.64 10.70
CA LEU D 243 -3.41 -25.79 11.88
C LEU D 243 -3.20 -26.62 13.15
N ILE D 244 -3.25 -27.93 12.99
CA ILE D 244 -3.07 -28.84 14.13
C ILE D 244 -1.59 -28.97 14.52
N HIS D 245 -0.70 -28.42 13.70
CA HIS D 245 0.72 -28.50 14.00
C HIS D 245 1.48 -27.23 14.16
N TYR D 246 2.41 -27.29 15.11
CA TYR D 246 3.29 -26.19 15.41
C TYR D 246 4.69 -26.72 15.13
N TYR D 247 5.47 -25.97 14.37
CA TYR D 247 6.82 -26.39 14.04
C TYR D 247 7.84 -25.53 14.79
N LYS D 248 8.95 -26.14 15.18
CA LYS D 248 9.98 -25.40 15.90
C LYS D 248 11.34 -25.84 15.38
N ASP D 249 12.31 -24.93 15.38
CA ASP D 249 13.66 -25.27 14.92
C ASP D 249 14.35 -26.03 16.05
N LEU D 250 14.83 -27.25 15.77
CA LEU D 250 15.52 -28.03 16.80
C LEU D 250 16.98 -28.33 16.47
N SER D 251 17.86 -28.05 17.43
CA SER D 251 19.27 -28.31 17.25
C SER D 251 19.79 -29.29 18.32
N HIS D 252 19.57 -30.59 18.10
CA HIS D 252 20.02 -31.66 19.01
C HIS D 252 21.16 -32.44 18.33
N GLY D 253 22.29 -31.76 18.11
CA GLY D 253 23.41 -32.39 17.45
C GLY D 253 23.20 -32.39 15.94
N MET D 254 22.03 -31.88 15.54
CA MET D 254 21.65 -31.78 14.13
C MET D 254 20.72 -30.60 14.03
N GLU D 255 20.18 -30.39 12.83
CA GLU D 255 19.23 -29.32 12.59
C GLU D 255 17.98 -29.97 12.01
N ARG D 256 16.93 -30.05 12.82
CA ARG D 256 15.69 -30.66 12.38
C ARG D 256 14.48 -29.79 12.75
N ILE D 257 13.33 -30.13 12.17
CA ILE D 257 12.09 -29.40 12.45
C ILE D 257 11.22 -30.23 13.40
N GLU D 258 11.11 -29.78 14.65
CA GLU D 258 10.29 -30.47 15.64
C GLU D 258 8.80 -30.17 15.44
N VAL D 259 7.96 -31.17 15.65
CA VAL D 259 6.51 -31.00 15.50
C VAL D 259 5.77 -31.20 16.81
N ARG D 260 4.96 -30.23 17.20
CA ARG D 260 4.16 -30.32 18.42
C ARG D 260 2.69 -30.13 18.08
N SER D 261 1.82 -30.54 19.01
CA SER D 261 0.37 -30.41 18.82
C SER D 261 -0.15 -29.00 19.15
N ARG D 262 -1.19 -28.56 18.45
CA ARG D 262 -1.76 -27.24 18.69
C ARG D 262 -2.15 -27.09 20.16
N SER D 263 -3.27 -27.68 20.53
CA SER D 263 -3.71 -27.61 21.92
C SER D 263 -2.92 -28.67 22.67
N GLY D 264 -2.33 -28.29 23.79
CA GLY D 264 -1.56 -29.25 24.54
C GLY D 264 -0.06 -29.12 24.33
N SER D 265 0.34 -28.57 23.20
CA SER D 265 1.76 -28.39 22.90
C SER D 265 2.56 -29.63 23.25
N ALA D 266 2.10 -30.78 22.76
CA ALA D 266 2.80 -32.02 23.05
C ALA D 266 3.85 -32.32 22.00
N HIS D 267 5.08 -32.61 22.43
CA HIS D 267 6.13 -32.98 21.49
C HIS D 267 5.63 -34.26 20.83
N LEU D 268 5.57 -34.27 19.50
CA LEU D 268 5.08 -35.45 18.78
C LEU D 268 6.21 -36.17 18.08
N GLY D 269 7.17 -35.41 17.58
CA GLY D 269 8.31 -35.98 16.87
C GLY D 269 9.00 -34.98 15.96
N HIS D 270 9.25 -35.40 14.73
CA HIS D 270 9.89 -34.52 13.77
C HIS D 270 9.32 -34.75 12.38
N VAL D 271 9.48 -33.77 11.51
CA VAL D 271 8.99 -33.92 10.14
C VAL D 271 10.17 -33.78 9.19
N PHE D 272 10.24 -34.65 8.20
CA PHE D 272 11.32 -34.60 7.22
C PHE D 272 10.73 -34.46 5.83
N THR D 273 11.59 -34.20 4.87
CA THR D 273 11.13 -33.99 3.51
C THR D 273 11.46 -35.16 2.59
N ASP D 274 11.45 -36.36 3.14
CA ASP D 274 11.78 -37.56 2.36
C ASP D 274 10.64 -38.55 2.21
N GLY D 275 9.43 -38.13 2.54
CA GLY D 275 8.29 -39.02 2.42
C GLY D 275 7.91 -39.21 0.97
N PRO D 276 6.90 -40.05 0.67
CA PRO D 276 6.46 -40.30 -0.71
C PRO D 276 6.20 -38.99 -1.42
N ARG D 277 6.88 -38.76 -2.55
CA ARG D 277 6.68 -37.51 -3.27
C ARG D 277 5.30 -37.43 -3.90
N GLU D 278 4.66 -38.58 -4.10
CA GLU D 278 3.33 -38.58 -4.67
C GLU D 278 2.32 -38.08 -3.64
N LEU D 279 2.74 -38.01 -2.38
CA LEU D 279 1.88 -37.59 -1.28
C LEU D 279 2.24 -36.24 -0.66
N GLY D 280 3.22 -35.54 -1.24
CA GLY D 280 3.63 -34.26 -0.68
C GLY D 280 5.08 -34.27 -0.24
N GLY D 281 5.67 -35.46 -0.22
CA GLY D 281 7.06 -35.61 0.18
C GLY D 281 7.39 -35.38 1.64
N LEU D 282 6.37 -35.08 2.44
CA LEU D 282 6.59 -34.84 3.85
C LEU D 282 6.58 -36.14 4.62
N ARG D 283 7.31 -36.19 5.73
CA ARG D 283 7.32 -37.39 6.55
C ARG D 283 7.24 -36.98 8.03
N TYR D 284 6.03 -37.04 8.57
CA TYR D 284 5.82 -36.71 9.98
C TYR D 284 6.13 -37.98 10.75
N CYS D 285 7.28 -37.98 11.41
CA CYS D 285 7.78 -39.09 12.20
C CYS D 285 7.30 -38.89 13.63
N ILE D 286 6.29 -39.66 14.03
CA ILE D 286 5.69 -39.51 15.37
C ILE D 286 5.83 -40.66 16.37
N ASN D 287 6.08 -40.31 17.64
CA ASN D 287 6.19 -41.28 18.72
C ASN D 287 4.81 -41.85 19.02
N SER D 288 4.68 -43.17 18.99
CA SER D 288 3.41 -43.80 19.29
C SER D 288 2.98 -43.37 20.67
N ALA D 289 3.97 -43.10 21.52
CA ALA D 289 3.75 -42.70 22.91
C ALA D 289 3.09 -41.33 23.10
N SER D 290 2.93 -40.57 22.03
CA SER D 290 2.31 -39.25 22.11
C SER D 290 0.91 -39.39 21.58
N LEU D 291 0.64 -40.52 20.95
CA LEU D 291 -0.65 -40.77 20.34
C LEU D 291 -1.55 -41.79 21.05
N ARG D 292 -2.79 -41.85 20.58
CA ARG D 292 -3.78 -42.78 21.07
C ARG D 292 -4.62 -43.10 19.85
N PHE D 293 -4.53 -44.34 19.40
CA PHE D 293 -5.29 -44.76 18.23
C PHE D 293 -6.74 -44.94 18.63
N VAL D 294 -7.64 -44.63 17.70
CA VAL D 294 -9.07 -44.76 17.92
C VAL D 294 -9.63 -45.40 16.66
N ALA D 295 -10.06 -46.65 16.78
CA ALA D 295 -10.61 -47.38 15.64
C ALA D 295 -11.92 -46.79 15.14
N LYS D 296 -12.14 -46.90 13.83
CA LYS D 296 -13.35 -46.38 13.21
C LYS D 296 -14.61 -46.78 13.99
N ASP D 297 -14.68 -48.05 14.38
CA ASP D 297 -15.83 -48.57 15.13
C ASP D 297 -16.02 -47.93 16.51
N GLU D 298 -14.95 -47.87 17.30
CA GLU D 298 -15.05 -47.30 18.64
C GLU D 298 -14.91 -45.78 18.60
N MET D 299 -15.01 -45.21 17.40
CA MET D 299 -14.86 -43.77 17.20
C MET D 299 -16.08 -42.95 17.60
N GLU D 300 -17.25 -43.33 17.08
CA GLU D 300 -18.49 -42.63 17.38
C GLU D 300 -18.71 -42.45 18.88
N LYS D 301 -18.61 -43.55 19.62
CA LYS D 301 -18.81 -43.50 21.07
C LYS D 301 -17.65 -42.81 21.77
N ALA D 302 -16.53 -42.74 21.08
CA ALA D 302 -15.36 -42.08 21.65
C ALA D 302 -15.55 -40.57 21.58
N GLY D 303 -16.49 -40.14 20.74
CA GLY D 303 -16.78 -38.72 20.59
C GLY D 303 -16.15 -38.07 19.38
N TYR D 304 -15.70 -38.89 18.43
CA TYR D 304 -15.06 -38.40 17.23
C TYR D 304 -15.92 -38.77 16.04
N GLY D 305 -17.22 -38.85 16.27
CA GLY D 305 -18.13 -39.21 15.20
C GLY D 305 -18.08 -38.29 14.00
N TYR D 306 -17.92 -36.99 14.23
CA TYR D 306 -17.89 -36.02 13.14
C TYR D 306 -16.79 -36.27 12.11
N LEU D 307 -15.80 -37.07 12.49
CA LEU D 307 -14.70 -37.37 11.57
C LEU D 307 -14.96 -38.60 10.69
N LEU D 308 -15.97 -39.39 11.05
CA LEU D 308 -16.30 -40.60 10.29
C LEU D 308 -16.41 -40.38 8.78
N PRO D 309 -17.00 -39.25 8.36
CA PRO D 309 -17.16 -38.94 6.93
C PRO D 309 -15.86 -38.66 6.19
N TYR D 310 -14.76 -38.53 6.92
CA TYR D 310 -13.46 -38.23 6.31
C TYR D 310 -12.48 -39.38 6.34
N LEU D 311 -12.74 -40.36 7.20
CA LEU D 311 -11.88 -41.52 7.37
C LEU D 311 -11.31 -42.12 6.10
N ASN D 312 -12.14 -42.26 5.07
CA ASN D 312 -11.67 -42.84 3.83
C ASN D 312 -11.92 -41.97 2.60
N LYS D 313 -10.92 -41.17 2.22
CA LYS D 313 -11.05 -40.33 1.03
C LYS D 313 -10.69 -41.17 -0.18
N SER E 1 18.67 24.10 -45.85
CA SER E 1 19.38 24.77 -44.73
C SER E 1 19.27 23.95 -43.45
N HIS E 2 18.04 23.82 -42.95
CA HIS E 2 17.78 23.06 -41.73
C HIS E 2 16.90 21.84 -41.95
N MET E 3 16.96 20.89 -41.04
CA MET E 3 16.15 19.69 -41.16
C MET E 3 14.69 20.06 -40.99
N ALA E 4 13.89 19.78 -42.01
CA ALA E 4 12.46 20.09 -41.96
C ALA E 4 11.72 18.93 -42.57
N GLU E 5 10.60 18.55 -41.96
CA GLU E 5 9.81 17.47 -42.54
C GLU E 5 8.79 18.17 -43.40
N ILE E 6 7.80 17.42 -43.85
CA ILE E 6 6.79 18.06 -44.67
C ILE E 6 5.57 18.45 -43.83
N SER F 1 18.23 47.48 1.41
CA SER F 1 16.88 47.16 1.96
C SER F 1 16.23 46.02 1.19
N HIS F 2 15.83 44.98 1.91
CA HIS F 2 15.21 43.80 1.32
C HIS F 2 13.73 43.62 1.63
N MET F 3 13.14 42.61 1.00
CA MET F 3 11.74 42.30 1.19
C MET F 3 11.58 41.67 2.58
N ALA F 4 10.45 41.96 3.24
CA ALA F 4 10.19 41.42 4.59
C ALA F 4 8.70 41.37 4.99
N SER G 1 -24.59 -24.09 43.88
CA SER G 1 -24.51 -24.67 42.51
C SER G 1 -23.84 -23.68 41.55
N HIS G 2 -23.85 -24.00 40.26
CA HIS G 2 -23.21 -23.17 39.23
C HIS G 2 -24.14 -22.27 38.45
N MET G 3 -23.55 -21.32 37.72
CA MET G 3 -24.31 -20.39 36.91
C MET G 3 -24.67 -21.09 35.62
N ALA G 4 -25.89 -20.84 35.12
CA ALA G 4 -26.34 -21.47 33.90
C ALA G 4 -27.26 -20.54 33.10
#